data_7D9X
#
_entry.id   7D9X
#
_cell.length_a   49.624
_cell.length_b   117.189
_cell.length_c   187.589
_cell.angle_alpha   90.000
_cell.angle_beta   90.000
_cell.angle_gamma   90.000
#
_symmetry.space_group_name_H-M   'P 21 21 21'
#
loop_
_entity.id
_entity.type
_entity.pdbx_description
1 polymer 'Gamma-glutamyltransferase 1 Threonine peptidase. MEROPS family T03'
2 polymer 'Gamma-glutamyltransferase 1 Threonine peptidase. MEROPS family T03'
3 non-polymer GAMMA-BUTYROLACTONE
4 non-polymer GLYCINE
5 non-polymer GLYCEROL
6 water water
#
loop_
_entity_poly.entity_id
_entity_poly.type
_entity_poly.pdbx_seq_one_letter_code
_entity_poly.pdbx_strand_id
1 'polypeptide(L)'
;MRVFHFSKLPLGVAILAASSSVFAVTLDGGAVAAPDQYGAKVAAEILKKGGNAVDAAVATAFTLAVTYPEAGNIGGGGFM
TLYVDGKPYFLDYREIAPKAATKTMYLNEKGEVIENLSLVGAKAAGVPGTVMGLWEAHQRFGKLKWSELLTPAIGYAQTG
FKVADQQYQYRQDAIALFNGKTNFGDYFGTMKPGEVFKQPELAKTLERIADKGPDDFYKGETAKLLIAQMKQDGGLITSD
DLVDYQAKWREPMRIDWQGNTLYTAPLPSSGGIALAQLIGIKEQRAADFKGVELNSAKYIHLLSEIEKRVFADRADYLGD
PQFSKVPVAQLTDPKYIAKRAGEVNPDAISATEKVRPGLEPHQTTHFSIVD
;
A,C
2 'polypeptide(L)'
;TTHFSIVDKDGNAVSNTYTLNWDFGSGVVVKGAGFLLNDEMDDFSSKPGVANAFGVVGSDANAIEPGKRMLSSMSPSIVT
RDGHVSLVLGTPGGSRIFTSIFQVLNNVYDFHLPLEKAVAAQRVHHQLLPKDTIYYDAYAPLTGKVADELKAMGYTLEDQ
GDNMGDIQAIRVNGKALETASDPRGRGVGMVVKP
;
B,D
#
# COMPACT_ATOMS: atom_id res chain seq x y z
N THR A 26 -49.51 8.22 -24.27
CA THR A 26 -48.09 7.87 -24.45
C THR A 26 -47.81 6.47 -23.93
N LEU A 27 -47.09 6.35 -22.81
CA LEU A 27 -46.70 5.04 -22.30
C LEU A 27 -47.76 4.48 -21.34
N ASP A 28 -47.68 3.16 -21.12
CA ASP A 28 -48.59 2.51 -20.19
C ASP A 28 -48.43 3.00 -18.76
N GLY A 29 -47.31 3.66 -18.47
CA GLY A 29 -47.02 4.09 -17.12
C GLY A 29 -45.57 4.50 -17.05
N GLY A 30 -45.05 4.59 -15.82
CA GLY A 30 -43.65 4.77 -15.58
C GLY A 30 -43.03 3.50 -15.02
N ALA A 31 -41.71 3.59 -14.79
CA ALA A 31 -41.00 2.43 -14.29
C ALA A 31 -39.72 2.86 -13.59
N VAL A 32 -39.25 2.00 -12.69
CA VAL A 32 -37.99 2.22 -12.00
C VAL A 32 -37.24 0.91 -11.95
N ALA A 33 -35.92 0.97 -12.13
CA ALA A 33 -35.02 -0.14 -11.86
C ALA A 33 -33.98 0.43 -10.88
N ALA A 34 -34.06 0.01 -9.63
CA ALA A 34 -33.23 0.57 -8.57
C ALA A 34 -32.37 -0.51 -7.92
N PRO A 35 -31.24 -0.13 -7.31
CA PRO A 35 -30.32 -1.13 -6.74
C PRO A 35 -30.74 -1.69 -5.40
N ASP A 36 -31.82 -1.22 -4.78
CA ASP A 36 -32.42 -1.91 -3.65
C ASP A 36 -33.92 -1.62 -3.62
N GLN A 37 -34.60 -2.30 -2.69
CA GLN A 37 -36.05 -2.22 -2.63
C GLN A 37 -36.53 -0.84 -2.19
N TYR A 38 -35.69 -0.11 -1.46
CA TYR A 38 -36.10 1.19 -0.93
C TYR A 38 -36.08 2.25 -2.00
N GLY A 39 -35.00 2.32 -2.79
CA GLY A 39 -35.01 3.22 -3.92
C GLY A 39 -36.15 2.94 -4.89
N ALA A 40 -36.45 1.66 -5.10
CA ALA A 40 -37.53 1.29 -6.01
C ALA A 40 -38.87 1.78 -5.47
N LYS A 41 -39.15 1.49 -4.19
CA LYS A 41 -40.40 1.92 -3.58
C LYS A 41 -40.57 3.43 -3.65
N VAL A 42 -39.52 4.17 -3.31
CA VAL A 42 -39.63 5.63 -3.25
C VAL A 42 -39.87 6.19 -4.65
N ALA A 43 -39.07 5.77 -5.63
CA ALA A 43 -39.30 6.21 -7.01
C ALA A 43 -40.74 5.95 -7.45
N ALA A 44 -41.27 4.78 -7.11
CA ALA A 44 -42.61 4.44 -7.54
C ALA A 44 -43.65 5.33 -6.86
N GLU A 45 -43.47 5.60 -5.57
CA GLU A 45 -44.41 6.50 -4.87
C GLU A 45 -44.38 7.90 -5.47
N ILE A 46 -43.21 8.39 -5.87
CA ILE A 46 -43.13 9.72 -6.46
C ILE A 46 -43.84 9.74 -7.81
N LEU A 47 -43.63 8.71 -8.65
CA LEU A 47 -44.36 8.65 -9.91
C LEU A 47 -45.87 8.58 -9.69
N LYS A 48 -46.30 7.85 -8.67
CA LYS A 48 -47.73 7.74 -8.39
C LYS A 48 -48.30 9.07 -7.95
N LYS A 49 -47.50 9.90 -7.26
CA LYS A 49 -47.93 11.21 -6.79
C LYS A 49 -47.98 12.23 -7.91
N GLY A 50 -47.55 11.88 -9.11
CA GLY A 50 -47.50 12.82 -10.22
C GLY A 50 -46.16 13.46 -10.49
N GLY A 51 -45.10 13.07 -9.77
CA GLY A 51 -43.78 13.54 -10.11
C GLY A 51 -43.31 12.94 -11.41
N ASN A 52 -42.39 13.63 -12.08
CA ASN A 52 -41.84 13.12 -13.32
C ASN A 52 -40.56 12.34 -13.03
N ALA A 53 -39.86 11.88 -14.07
CA ALA A 53 -38.70 11.02 -13.88
C ALA A 53 -37.65 11.73 -13.03
N VAL A 54 -37.52 13.06 -13.16
CA VAL A 54 -36.52 13.78 -12.39
C VAL A 54 -36.92 13.90 -10.92
N ASP A 55 -38.18 14.21 -10.64
CA ASP A 55 -38.65 14.19 -9.25
C ASP A 55 -38.33 12.84 -8.61
N ALA A 56 -38.66 11.76 -9.32
CA ALA A 56 -38.43 10.43 -8.78
C ALA A 56 -36.94 10.17 -8.60
N ALA A 57 -36.12 10.59 -9.56
CA ALA A 57 -34.68 10.36 -9.45
C ALA A 57 -34.09 11.08 -8.23
N VAL A 58 -34.52 12.32 -7.98
CA VAL A 58 -34.00 13.06 -6.84
C VAL A 58 -34.35 12.36 -5.53
N ALA A 59 -35.60 11.97 -5.37
CA ALA A 59 -36.01 11.27 -4.15
C ALA A 59 -35.29 9.93 -4.02
N THR A 60 -35.10 9.23 -5.14
CA THR A 60 -34.37 7.95 -5.11
C THR A 60 -32.91 8.15 -4.70
N ALA A 61 -32.26 9.17 -5.25
CA ALA A 61 -30.84 9.38 -4.92
C ALA A 61 -30.66 9.73 -3.45
N PHE A 62 -31.57 10.53 -2.88
CA PHE A 62 -31.45 10.81 -1.45
C PHE A 62 -31.76 9.57 -0.63
N THR A 63 -32.75 8.77 -1.07
CA THR A 63 -33.08 7.53 -0.37
C THR A 63 -31.86 6.60 -0.30
N LEU A 64 -31.21 6.37 -1.43
CA LEU A 64 -30.06 5.48 -1.44
C LEU A 64 -28.88 6.05 -0.69
N ALA A 65 -28.82 7.39 -0.53
CA ALA A 65 -27.81 7.98 0.34
C ALA A 65 -27.97 7.50 1.78
N VAL A 66 -29.15 6.99 2.14
CA VAL A 66 -29.42 6.43 3.45
C VAL A 66 -29.30 4.91 3.46
N THR A 67 -30.00 4.25 2.54
CA THR A 67 -30.13 2.81 2.56
C THR A 67 -29.01 2.08 1.84
N TYR A 68 -28.19 2.79 1.04
N TYR A 68 -28.17 2.80 1.11
CA TYR A 68 -27.13 2.17 0.25
CA TYR A 68 -27.16 2.22 0.25
C TYR A 68 -25.82 2.92 0.45
C TYR A 68 -25.84 2.97 0.45
N PRO A 69 -25.41 3.13 1.70
CA PRO A 69 -24.27 4.04 1.98
C PRO A 69 -22.96 3.60 1.39
N GLU A 70 -22.83 2.33 1.00
CA GLU A 70 -21.59 1.93 0.33
C GLU A 70 -21.38 2.67 -0.98
N ALA A 71 -22.45 3.19 -1.61
CA ALA A 71 -22.31 3.91 -2.87
C ALA A 71 -23.27 5.09 -2.99
N GLY A 72 -24.54 4.86 -2.68
CA GLY A 72 -25.46 5.98 -2.58
C GLY A 72 -24.95 6.97 -1.56
N ASN A 73 -25.17 8.26 -1.82
CA ASN A 73 -24.36 9.23 -1.11
C ASN A 73 -24.90 10.64 -1.23
N ILE A 74 -24.51 11.48 -0.26
CA ILE A 74 -24.43 12.92 -0.48
C ILE A 74 -23.01 13.44 -0.39
N GLY A 75 -22.05 12.59 -0.05
CA GLY A 75 -20.65 13.00 0.01
C GLY A 75 -19.79 12.54 -1.15
N GLY A 76 -20.40 12.22 -2.28
CA GLY A 76 -19.69 11.78 -3.48
C GLY A 76 -20.07 12.62 -4.67
N GLY A 77 -20.24 11.95 -5.81
CA GLY A 77 -20.54 12.65 -7.05
C GLY A 77 -21.07 11.65 -8.06
N GLY A 78 -21.40 12.16 -9.23
CA GLY A 78 -22.03 11.31 -10.23
C GLY A 78 -22.40 12.07 -11.47
N PHE A 79 -23.14 11.35 -12.34
CA PHE A 79 -23.55 11.84 -13.63
C PHE A 79 -25.00 11.44 -13.87
N MET A 80 -25.78 12.33 -14.48
CA MET A 80 -27.16 12.06 -14.85
C MET A 80 -27.33 12.28 -16.34
N THR A 81 -27.85 11.28 -17.03
CA THR A 81 -28.25 11.38 -18.42
C THR A 81 -29.76 11.43 -18.46
N LEU A 82 -30.31 12.35 -19.25
CA LEU A 82 -31.75 12.59 -19.25
C LEU A 82 -32.29 12.64 -20.68
N TYR A 83 -33.57 12.32 -20.83
CA TYR A 83 -34.32 12.57 -22.04
C TYR A 83 -35.64 13.17 -21.60
N VAL A 84 -35.87 14.45 -21.93
CA VAL A 84 -37.03 15.17 -21.43
C VAL A 84 -37.69 15.86 -22.61
N ASP A 85 -38.99 15.58 -22.81
CA ASP A 85 -39.77 16.20 -23.89
C ASP A 85 -39.04 16.10 -25.22
N GLY A 86 -38.51 14.90 -25.49
CA GLY A 86 -37.89 14.59 -26.76
C GLY A 86 -36.50 15.12 -26.98
N LYS A 87 -35.82 15.62 -25.95
CA LYS A 87 -34.49 16.18 -26.10
C LYS A 87 -33.55 15.56 -25.07
N PRO A 88 -32.28 15.37 -25.43
CA PRO A 88 -31.31 14.79 -24.49
C PRO A 88 -30.58 15.85 -23.67
N TYR A 89 -30.23 15.47 -22.44
CA TYR A 89 -29.47 16.32 -21.55
C TYR A 89 -28.50 15.48 -20.73
N PHE A 90 -27.48 16.14 -20.21
CA PHE A 90 -26.50 15.49 -19.36
C PHE A 90 -26.04 16.45 -18.28
N LEU A 91 -25.96 15.95 -17.06
CA LEU A 91 -25.55 16.75 -15.91
C LEU A 91 -24.34 16.11 -15.25
N ASP A 92 -23.28 16.90 -15.11
CA ASP A 92 -22.02 16.48 -14.52
C ASP A 92 -21.97 17.04 -13.10
N TYR A 93 -22.10 16.16 -12.12
CA TYR A 93 -21.87 16.55 -10.72
C TYR A 93 -20.72 15.72 -10.15
N ARG A 94 -19.70 15.50 -10.97
CA ARG A 94 -18.48 14.86 -10.54
C ARG A 94 -17.74 15.74 -9.55
N GLU A 95 -17.06 15.11 -8.59
CA GLU A 95 -16.25 15.85 -7.63
C GLU A 95 -15.11 16.56 -8.34
N ILE A 96 -14.57 17.58 -7.66
CA ILE A 96 -13.44 18.34 -8.20
C ILE A 96 -12.31 18.29 -7.18
N ALA A 97 -11.09 18.36 -7.67
CA ALA A 97 -9.94 18.37 -6.79
C ALA A 97 -9.98 19.63 -5.91
N PRO A 98 -9.63 19.52 -4.63
CA PRO A 98 -9.53 20.73 -3.81
C PRO A 98 -8.47 21.68 -4.37
N LYS A 99 -8.65 22.96 -4.04
CA LYS A 99 -7.69 23.98 -4.46
C LYS A 99 -6.27 23.64 -4.01
N ALA A 100 -6.13 22.98 -2.87
CA ALA A 100 -4.81 22.64 -2.31
C ALA A 100 -4.21 21.38 -2.93
N ALA A 101 -4.87 20.75 -3.89
CA ALA A 101 -4.34 19.55 -4.49
C ALA A 101 -3.11 19.85 -5.35
N THR A 102 -2.20 18.88 -5.43
CA THR A 102 -0.99 19.00 -6.22
C THR A 102 -0.73 17.70 -6.96
N LYS A 103 -0.03 17.83 -8.09
CA LYS A 103 0.18 16.68 -8.97
C LYS A 103 0.81 15.50 -8.24
N THR A 104 1.70 15.76 -7.26
CA THR A 104 2.43 14.69 -6.58
C THR A 104 2.01 14.54 -5.12
N MET A 105 0.79 14.96 -4.78
CA MET A 105 0.35 14.94 -3.39
C MET A 105 0.28 13.53 -2.80
N TYR A 106 0.24 12.49 -3.63
CA TYR A 106 0.16 11.13 -3.12
C TYR A 106 1.49 10.39 -3.22
N LEU A 107 2.59 11.13 -3.38
CA LEU A 107 3.94 10.57 -3.47
C LEU A 107 4.74 11.02 -2.26
N ASN A 108 5.66 10.16 -1.82
CA ASN A 108 6.55 10.54 -0.72
C ASN A 108 7.69 11.38 -1.26
N GLU A 109 8.55 11.86 -0.35
CA GLU A 109 9.63 12.76 -0.74
C GLU A 109 10.60 12.10 -1.71
N LYS A 110 10.53 10.78 -1.88
CA LYS A 110 11.38 10.06 -2.82
C LYS A 110 10.64 9.63 -4.08
N GLY A 111 9.40 10.09 -4.27
CA GLY A 111 8.68 9.90 -5.52
C GLY A 111 7.84 8.65 -5.63
N GLU A 112 7.73 7.88 -4.55
CA GLU A 112 6.96 6.63 -4.56
C GLU A 112 5.54 6.89 -4.07
N VAL A 113 4.58 6.17 -4.65
CA VAL A 113 3.19 6.33 -4.27
C VAL A 113 2.99 5.85 -2.83
N ILE A 114 2.34 6.67 -2.01
CA ILE A 114 2.06 6.32 -0.62
C ILE A 114 0.82 5.44 -0.57
N GLU A 115 0.97 4.28 0.06
CA GLU A 115 -0.10 3.30 0.16
C GLU A 115 -1.39 3.93 0.64
N ASN A 116 -2.44 3.80 -0.17
CA ASN A 116 -3.81 4.09 0.19
C ASN A 116 -4.06 5.55 0.57
N LEU A 117 -3.11 6.44 0.31
CA LEU A 117 -3.35 7.84 0.63
C LEU A 117 -4.43 8.45 -0.26
N SER A 118 -4.59 7.91 -1.46
CA SER A 118 -5.63 8.36 -2.39
C SER A 118 -6.92 7.56 -2.26
N LEU A 119 -6.98 6.63 -1.30
CA LEU A 119 -8.09 5.70 -1.18
C LEU A 119 -8.72 5.70 0.19
N VAL A 120 -7.95 6.01 1.24
CA VAL A 120 -8.43 5.94 2.62
C VAL A 120 -8.05 7.22 3.33
N GLY A 121 -8.99 7.80 4.05
CA GLY A 121 -8.75 9.02 4.80
C GLY A 121 -9.18 10.25 4.05
N ALA A 122 -9.03 11.39 4.73
CA ALA A 122 -9.63 12.63 4.27
C ALA A 122 -8.95 13.18 3.02
N LYS A 123 -7.66 12.93 2.84
CA LYS A 123 -6.99 13.43 1.64
C LYS A 123 -7.44 12.71 0.38
N ALA A 124 -8.17 11.60 0.49
CA ALA A 124 -8.66 10.89 -0.68
C ALA A 124 -9.90 11.52 -1.28
N ALA A 125 -10.48 12.53 -0.62
CA ALA A 125 -11.78 13.05 -1.01
C ALA A 125 -11.67 14.23 -1.96
N GLY A 126 -12.45 14.19 -3.07
CA GLY A 126 -12.73 15.38 -3.83
C GLY A 126 -13.94 16.12 -3.28
N VAL A 127 -14.13 17.35 -3.74
CA VAL A 127 -15.24 18.18 -3.27
C VAL A 127 -16.54 17.52 -3.73
N PRO A 128 -17.48 17.20 -2.81
CA PRO A 128 -18.68 16.45 -3.22
C PRO A 128 -19.60 17.25 -4.12
N GLY A 129 -20.22 16.55 -5.09
CA GLY A 129 -21.10 17.21 -6.03
C GLY A 129 -22.54 16.76 -6.03
N THR A 130 -22.85 15.66 -5.34
CA THR A 130 -24.19 15.06 -5.47
C THR A 130 -25.32 16.03 -5.07
N VAL A 131 -25.20 16.70 -3.93
CA VAL A 131 -26.31 17.57 -3.52
C VAL A 131 -26.54 18.67 -4.55
N MET A 132 -25.46 19.28 -5.04
CA MET A 132 -25.60 20.29 -6.09
C MET A 132 -26.22 19.69 -7.34
N GLY A 133 -25.80 18.49 -7.73
CA GLY A 133 -26.34 17.89 -8.94
C GLY A 133 -27.83 17.64 -8.84
N LEU A 134 -28.26 17.04 -7.72
CA LEU A 134 -29.68 16.76 -7.55
C LEU A 134 -30.48 18.05 -7.55
N TRP A 135 -29.96 19.10 -6.92
CA TRP A 135 -30.62 20.41 -6.96
C TRP A 135 -30.75 20.92 -8.39
N GLU A 136 -29.65 20.95 -9.14
CA GLU A 136 -29.71 21.53 -10.48
C GLU A 136 -30.65 20.76 -11.39
N ALA A 137 -30.58 19.42 -11.34
CA ALA A 137 -31.50 18.61 -12.13
C ALA A 137 -32.94 18.93 -11.77
N HIS A 138 -33.24 19.01 -10.47
CA HIS A 138 -34.61 19.24 -10.06
C HIS A 138 -35.05 20.65 -10.45
N GLN A 139 -34.23 21.65 -10.16
CA GLN A 139 -34.66 23.02 -10.45
C GLN A 139 -34.98 23.19 -11.94
N ARG A 140 -34.22 22.53 -12.81
CA ARG A 140 -34.48 22.67 -14.25
C ARG A 140 -35.69 21.88 -14.72
N PHE A 141 -35.89 20.67 -14.20
CA PHE A 141 -36.84 19.75 -14.82
C PHE A 141 -37.91 19.15 -13.90
N GLY A 142 -37.76 19.25 -12.59
CA GLY A 142 -38.70 18.61 -11.69
C GLY A 142 -40.03 19.33 -11.67
N LYS A 143 -41.07 18.57 -11.31
CA LYS A 143 -42.43 19.12 -11.19
C LYS A 143 -42.86 19.38 -9.75
N LEU A 144 -42.31 18.68 -8.77
CA LEU A 144 -42.80 18.70 -7.40
C LEU A 144 -41.92 19.55 -6.50
N LYS A 145 -42.48 19.90 -5.34
CA LYS A 145 -41.79 20.72 -4.36
C LYS A 145 -40.54 20.00 -3.83
N TRP A 146 -39.43 20.73 -3.81
CA TRP A 146 -38.13 20.18 -3.42
C TRP A 146 -38.20 19.42 -2.09
N SER A 147 -38.68 20.07 -1.03
CA SER A 147 -38.47 19.52 0.30
C SER A 147 -39.15 18.15 0.45
N GLU A 148 -40.31 17.98 -0.19
CA GLU A 148 -41.06 16.73 -0.03
C GLU A 148 -40.37 15.56 -0.75
N LEU A 149 -39.45 15.83 -1.68
CA LEU A 149 -38.69 14.75 -2.29
C LEU A 149 -37.68 14.14 -1.33
N LEU A 150 -37.33 14.84 -0.26
CA LEU A 150 -36.41 14.31 0.75
C LEU A 150 -37.11 13.60 1.90
N THR A 151 -38.42 13.79 2.06
CA THR A 151 -39.12 13.14 3.17
C THR A 151 -38.98 11.62 3.17
N PRO A 152 -39.00 10.93 2.04
CA PRO A 152 -38.75 9.48 2.09
C PRO A 152 -37.41 9.13 2.70
N ALA A 153 -36.35 9.74 2.21
CA ALA A 153 -35.01 9.46 2.73
C ALA A 153 -34.92 9.77 4.21
N ILE A 154 -35.46 10.92 4.63
CA ILE A 154 -35.45 11.28 6.05
C ILE A 154 -36.11 10.20 6.88
N GLY A 155 -37.24 9.66 6.40
CA GLY A 155 -37.90 8.58 7.10
C GLY A 155 -37.01 7.38 7.30
N TYR A 156 -36.36 6.93 6.23
CA TYR A 156 -35.46 5.78 6.35
C TYR A 156 -34.30 6.06 7.28
N ALA A 157 -33.83 7.31 7.35
CA ALA A 157 -32.76 7.64 8.27
C ALA A 157 -33.26 7.67 9.70
N GLN A 158 -34.50 8.13 9.92
CA GLN A 158 -35.04 8.22 11.27
C GLN A 158 -35.45 6.86 11.82
N THR A 159 -36.26 6.12 11.06
CA THR A 159 -36.82 4.87 11.54
C THR A 159 -36.08 3.65 11.02
N GLY A 160 -35.11 3.83 10.11
CA GLY A 160 -34.17 2.80 9.76
C GLY A 160 -34.58 1.95 8.57
N PHE A 161 -33.62 1.13 8.13
CA PHE A 161 -33.83 0.13 7.10
C PHE A 161 -33.08 -1.13 7.52
N LYS A 162 -33.42 -2.25 6.91
CA LYS A 162 -32.79 -3.54 7.25
C LYS A 162 -31.54 -3.73 6.41
N VAL A 163 -30.39 -3.95 7.07
CA VAL A 163 -29.13 -4.11 6.38
C VAL A 163 -29.12 -5.43 5.64
N ALA A 164 -28.66 -5.41 4.38
CA ALA A 164 -28.59 -6.61 3.57
C ALA A 164 -27.34 -7.41 3.90
N ASP A 165 -27.40 -8.71 3.62
CA ASP A 165 -26.27 -9.59 3.91
C ASP A 165 -25.02 -9.14 3.17
N GLN A 166 -25.11 -8.98 1.85
CA GLN A 166 -23.94 -8.60 1.07
C GLN A 166 -23.45 -7.21 1.49
N GLN A 167 -24.38 -6.32 1.81
CA GLN A 167 -24.00 -4.99 2.28
C GLN A 167 -23.15 -5.07 3.53
N TYR A 168 -23.58 -5.88 4.50
CA TYR A 168 -22.79 -6.08 5.71
C TYR A 168 -21.42 -6.67 5.39
N GLN A 169 -21.36 -7.58 4.41
CA GLN A 169 -20.07 -8.14 4.00
C GLN A 169 -19.16 -7.05 3.47
N TYR A 170 -19.68 -6.17 2.60
CA TYR A 170 -18.90 -5.03 2.15
C TYR A 170 -18.45 -4.19 3.35
N ARG A 171 -19.32 -4.06 4.36
CA ARG A 171 -18.95 -3.33 5.56
C ARG A 171 -17.76 -3.99 6.25
N GLN A 172 -17.82 -5.30 6.44
CA GLN A 172 -16.71 -6.02 7.06
C GLN A 172 -15.41 -5.77 6.28
N ASP A 173 -15.45 -5.98 4.97
CA ASP A 173 -14.25 -5.77 4.16
C ASP A 173 -13.75 -4.33 4.30
N ALA A 174 -14.66 -3.36 4.33
CA ALA A 174 -14.24 -1.96 4.37
C ALA A 174 -13.59 -1.62 5.71
N ILE A 175 -14.20 -2.05 6.82
CA ILE A 175 -13.66 -1.70 8.13
C ILE A 175 -12.30 -2.37 8.33
N ALA A 176 -12.10 -3.56 7.76
CA ALA A 176 -10.79 -4.18 7.80
C ALA A 176 -9.78 -3.41 6.96
N LEU A 177 -10.19 -2.93 5.78
CA LEU A 177 -9.30 -2.11 4.96
C LEU A 177 -8.96 -0.80 5.65
N PHE A 178 -9.95 -0.14 6.25
CA PHE A 178 -9.68 1.13 6.91
C PHE A 178 -8.73 0.97 8.09
N ASN A 179 -8.76 -0.21 8.73
CA ASN A 179 -7.75 -0.59 9.72
C ASN A 179 -7.59 0.47 10.81
N GLY A 180 -8.72 0.99 11.28
CA GLY A 180 -8.71 1.93 12.39
C GLY A 180 -8.21 3.32 12.07
N LYS A 181 -8.01 3.65 10.81
CA LYS A 181 -7.48 4.96 10.44
C LYS A 181 -8.53 6.06 10.38
N THR A 182 -9.82 5.73 10.47
CA THR A 182 -10.90 6.71 10.34
C THR A 182 -11.95 6.52 11.42
N ASN A 183 -13.00 7.35 11.37
CA ASN A 183 -14.12 7.26 12.28
C ASN A 183 -15.28 6.42 11.71
N PHE A 184 -15.00 5.58 10.71
CA PHE A 184 -16.05 4.79 10.08
C PHE A 184 -16.86 3.98 11.09
N GLY A 185 -16.18 3.33 12.03
CA GLY A 185 -16.86 2.48 12.98
C GLY A 185 -17.78 3.21 13.94
N ASP A 186 -17.56 4.52 14.13
CA ASP A 186 -18.45 5.28 15.00
C ASP A 186 -19.85 5.38 14.44
N TYR A 187 -20.01 5.26 13.12
CA TYR A 187 -21.28 5.49 12.45
C TYR A 187 -21.86 4.26 11.80
N PHE A 188 -21.02 3.34 11.30
CA PHE A 188 -21.50 2.16 10.61
C PHE A 188 -21.07 0.87 11.30
N GLY A 189 -20.50 0.96 12.50
CA GLY A 189 -20.10 -0.24 13.21
C GLY A 189 -21.24 -1.05 13.77
N THR A 190 -22.41 -0.43 14.00
CA THR A 190 -23.56 -1.14 14.54
C THR A 190 -24.40 -1.84 13.49
N MET A 191 -24.04 -1.73 12.21
CA MET A 191 -24.76 -2.49 11.20
C MET A 191 -24.63 -3.98 11.46
N LYS A 192 -25.74 -4.70 11.34
CA LYS A 192 -25.79 -6.14 11.53
C LYS A 192 -26.76 -6.67 10.48
N PRO A 193 -26.44 -7.79 9.84
CA PRO A 193 -27.29 -8.26 8.73
C PRO A 193 -28.71 -8.54 9.19
N GLY A 194 -29.67 -8.06 8.40
CA GLY A 194 -31.06 -8.28 8.71
C GLY A 194 -31.63 -7.48 9.85
N GLU A 195 -30.85 -6.56 10.43
CA GLU A 195 -31.32 -5.74 11.53
C GLU A 195 -31.50 -4.29 11.07
N VAL A 196 -32.42 -3.60 11.75
CA VAL A 196 -32.78 -2.24 11.37
C VAL A 196 -31.68 -1.28 11.82
N PHE A 197 -31.18 -0.49 10.87
CA PHE A 197 -30.07 0.44 11.08
C PHE A 197 -30.58 1.86 10.89
N LYS A 198 -30.48 2.67 11.95
CA LYS A 198 -30.94 4.05 11.94
C LYS A 198 -29.76 5.02 11.88
N GLN A 199 -30.01 6.21 11.34
CA GLN A 199 -28.97 7.21 11.11
C GLN A 199 -29.47 8.59 11.50
N PRO A 200 -29.53 8.86 12.82
CA PRO A 200 -30.19 10.11 13.26
C PRO A 200 -29.48 11.39 12.82
N GLU A 201 -28.15 11.43 12.82
CA GLU A 201 -27.48 12.65 12.36
C GLU A 201 -27.70 12.87 10.87
N LEU A 202 -27.66 11.79 10.08
CA LEU A 202 -27.95 11.92 8.65
C LEU A 202 -29.37 12.43 8.41
N ALA A 203 -30.32 11.99 9.24
CA ALA A 203 -31.68 12.51 9.14
C ALA A 203 -31.69 14.03 9.25
N LYS A 204 -31.00 14.56 10.26
CA LYS A 204 -31.00 16.01 10.44
C LYS A 204 -30.33 16.70 9.26
N THR A 205 -29.26 16.11 8.73
CA THR A 205 -28.58 16.70 7.59
C THR A 205 -29.51 16.78 6.39
N LEU A 206 -30.27 15.72 6.15
CA LEU A 206 -31.22 15.73 5.05
C LEU A 206 -32.34 16.72 5.31
N GLU A 207 -32.75 16.87 6.58
CA GLU A 207 -33.75 17.89 6.90
C GLU A 207 -33.25 19.29 6.57
N ARG A 208 -31.98 19.56 6.85
CA ARG A 208 -31.39 20.85 6.52
C ARG A 208 -31.33 21.06 5.02
N ILE A 209 -31.00 20.01 4.26
CA ILE A 209 -30.98 20.14 2.81
C ILE A 209 -32.38 20.36 2.27
N ALA A 210 -33.38 19.70 2.87
CA ALA A 210 -34.75 19.88 2.42
C ALA A 210 -35.23 21.30 2.69
N ASP A 211 -34.81 21.89 3.82
CA ASP A 211 -35.31 23.21 4.19
C ASP A 211 -34.53 24.32 3.51
N LYS A 212 -33.22 24.17 3.39
CA LYS A 212 -32.34 25.23 2.90
C LYS A 212 -31.86 25.02 1.47
N GLY A 213 -31.90 23.80 0.96
CA GLY A 213 -31.37 23.52 -0.34
C GLY A 213 -29.88 23.22 -0.27
N PRO A 214 -29.20 23.24 -1.42
CA PRO A 214 -27.76 22.98 -1.41
C PRO A 214 -26.98 23.96 -0.55
N ASP A 215 -27.54 25.13 -0.25
CA ASP A 215 -26.83 26.10 0.56
C ASP A 215 -26.38 25.49 1.89
N ASP A 216 -27.20 24.61 2.47
CA ASP A 216 -26.79 23.96 3.71
C ASP A 216 -25.47 23.22 3.52
N PHE A 217 -25.34 22.51 2.40
CA PHE A 217 -24.19 21.64 2.20
C PHE A 217 -22.94 22.44 1.84
N TYR A 218 -23.08 23.49 1.02
CA TYR A 218 -21.92 24.19 0.49
C TYR A 218 -21.62 25.51 1.20
N LYS A 219 -22.59 26.03 1.94
CA LYS A 219 -22.45 27.31 2.64
C LYS A 219 -22.86 27.29 4.10
N GLY A 220 -23.62 26.30 4.55
CA GLY A 220 -24.27 26.38 5.84
C GLY A 220 -23.72 25.46 6.90
N GLU A 221 -24.62 24.89 7.70
CA GLU A 221 -24.20 24.11 8.87
C GLU A 221 -23.46 22.85 8.44
N THR A 222 -23.99 22.15 7.44
CA THR A 222 -23.31 20.95 6.98
C THR A 222 -21.92 21.31 6.45
N ALA A 223 -21.80 22.38 5.69
CA ALA A 223 -20.52 22.82 5.18
C ALA A 223 -19.52 23.02 6.31
N LYS A 224 -19.94 23.68 7.39
CA LYS A 224 -19.06 23.86 8.53
C LYS A 224 -18.61 22.53 9.12
N LEU A 225 -19.54 21.60 9.27
CA LEU A 225 -19.18 20.29 9.82
C LEU A 225 -18.19 19.58 8.91
N LEU A 226 -18.34 19.75 7.58
CA LEU A 226 -17.39 19.14 6.65
C LEU A 226 -15.99 19.72 6.85
N ILE A 227 -15.90 21.05 6.97
CA ILE A 227 -14.60 21.70 7.15
C ILE A 227 -13.94 21.22 8.44
N ALA A 228 -14.71 21.20 9.54
CA ALA A 228 -14.17 20.74 10.82
C ALA A 228 -13.58 19.34 10.69
N GLN A 229 -14.24 18.46 9.93
CA GLN A 229 -13.70 17.11 9.75
C GLN A 229 -12.41 17.13 8.96
N MET A 230 -12.30 18.04 7.98
CA MET A 230 -11.05 18.15 7.23
C MET A 230 -9.90 18.57 8.12
N LYS A 231 -10.15 19.51 9.03
CA LYS A 231 -9.11 19.93 9.97
C LYS A 231 -8.80 18.83 10.97
N GLN A 232 -9.82 18.16 11.48
CA GLN A 232 -9.60 17.08 12.44
C GLN A 232 -8.77 15.96 11.84
N ASP A 233 -8.94 15.70 10.54
CA ASP A 233 -8.36 14.53 9.89
C ASP A 233 -7.19 14.88 8.97
N GLY A 234 -6.88 16.16 8.81
CA GLY A 234 -5.82 16.55 7.92
C GLY A 234 -6.19 16.61 6.46
N GLY A 235 -7.46 16.83 6.16
CA GLY A 235 -7.90 16.92 4.77
C GLY A 235 -7.65 18.30 4.19
N LEU A 236 -7.97 18.42 2.90
CA LEU A 236 -7.65 19.62 2.14
C LEU A 236 -8.85 20.49 1.82
N ILE A 237 -10.08 19.96 1.89
CA ILE A 237 -11.23 20.71 1.43
C ILE A 237 -11.49 21.89 2.36
N THR A 238 -11.70 23.05 1.77
CA THR A 238 -11.93 24.29 2.48
C THR A 238 -13.32 24.84 2.20
N SER A 239 -13.68 25.89 2.93
CA SER A 239 -14.95 26.58 2.66
C SER A 239 -14.97 27.14 1.25
N ASP A 240 -13.85 27.67 0.77
CA ASP A 240 -13.80 28.20 -0.59
C ASP A 240 -14.00 27.10 -1.63
N ASP A 241 -13.49 25.90 -1.37
CA ASP A 241 -13.76 24.76 -2.23
C ASP A 241 -15.26 24.54 -2.38
N LEU A 242 -15.97 24.49 -1.26
CA LEU A 242 -17.40 24.20 -1.28
C LEU A 242 -18.18 25.32 -1.95
N VAL A 243 -17.83 26.58 -1.67
CA VAL A 243 -18.57 27.70 -2.22
C VAL A 243 -18.41 27.75 -3.73
N ASP A 244 -17.28 27.32 -4.25
CA ASP A 244 -16.99 27.42 -5.67
C ASP A 244 -17.45 26.20 -6.46
N TYR A 245 -17.94 25.16 -5.81
CA TYR A 245 -18.37 23.99 -6.55
C TYR A 245 -19.57 24.33 -7.44
N GLN A 246 -19.55 23.80 -8.66
CA GLN A 246 -20.68 23.94 -9.58
C GLN A 246 -20.85 22.63 -10.33
N ALA A 247 -22.10 22.16 -10.41
CA ALA A 247 -22.44 21.15 -11.42
C ALA A 247 -22.47 21.81 -12.79
N LYS A 248 -22.30 21.00 -13.84
CA LYS A 248 -22.21 21.52 -15.19
C LYS A 248 -23.09 20.73 -16.12
N TRP A 249 -23.96 21.42 -16.83
CA TRP A 249 -24.70 20.81 -17.95
C TRP A 249 -23.78 20.70 -19.14
N ARG A 250 -23.79 19.54 -19.79
CA ARG A 250 -22.95 19.29 -20.95
C ARG A 250 -23.78 18.66 -22.05
N GLU A 251 -23.29 18.74 -23.27
CA GLU A 251 -23.92 18.01 -24.38
C GLU A 251 -23.62 16.53 -24.20
N PRO A 252 -24.62 15.65 -24.15
CA PRO A 252 -24.33 14.22 -24.02
C PRO A 252 -23.61 13.68 -25.24
N MET A 253 -22.85 12.61 -25.02
CA MET A 253 -22.28 11.85 -26.12
C MET A 253 -23.41 11.19 -26.90
N ARG A 254 -23.40 11.37 -28.22
CA ARG A 254 -24.40 10.75 -29.09
C ARG A 254 -23.73 9.73 -30.00
N ILE A 255 -24.27 8.50 -30.02
CA ILE A 255 -23.76 7.40 -30.83
C ILE A 255 -24.95 6.79 -31.58
N ASP A 256 -24.81 6.62 -32.90
CA ASP A 256 -25.89 6.12 -33.76
C ASP A 256 -25.44 4.80 -34.38
N TRP A 257 -26.30 3.78 -34.35
CA TRP A 257 -25.87 2.66 -35.18
C TRP A 257 -27.22 1.98 -35.47
N GLN A 258 -27.39 1.44 -36.68
CA GLN A 258 -28.57 0.60 -36.94
C GLN A 258 -29.89 1.29 -36.59
N GLY A 259 -29.94 2.61 -36.75
CA GLY A 259 -31.18 3.33 -36.52
C GLY A 259 -31.45 3.69 -35.06
N ASN A 260 -30.63 3.23 -34.13
CA ASN A 260 -30.73 3.58 -32.72
C ASN A 260 -29.79 4.74 -32.41
N THR A 261 -30.17 5.54 -31.41
CA THR A 261 -29.37 6.66 -30.97
C THR A 261 -29.12 6.50 -29.47
N LEU A 262 -27.86 6.26 -29.11
CA LEU A 262 -27.44 6.12 -27.73
C LEU A 262 -26.92 7.47 -27.22
N TYR A 263 -27.48 7.92 -26.10
CA TYR A 263 -27.00 9.10 -25.40
C TYR A 263 -26.34 8.64 -24.12
N THR A 264 -25.10 9.05 -23.90
CA THR A 264 -24.33 8.58 -22.74
C THR A 264 -23.39 9.70 -22.31
N ALA A 265 -22.52 9.38 -21.37
CA ALA A 265 -21.76 10.40 -20.66
C ALA A 265 -20.56 10.85 -21.49
N PRO A 266 -20.40 12.16 -21.73
CA PRO A 266 -19.18 12.66 -22.36
C PRO A 266 -18.09 12.87 -21.31
N LEU A 267 -16.94 13.43 -21.73
CA LEU A 267 -15.92 13.77 -20.75
C LEU A 267 -16.53 14.70 -19.71
N PRO A 268 -16.16 14.57 -18.43
CA PRO A 268 -15.04 13.81 -17.88
C PRO A 268 -15.26 12.33 -17.71
N SER A 269 -16.33 11.78 -18.28
CA SER A 269 -16.41 10.33 -18.36
C SER A 269 -15.71 9.84 -19.62
N SER A 270 -14.96 8.75 -19.46
CA SER A 270 -14.38 8.04 -20.59
C SER A 270 -15.36 7.11 -21.28
N GLY A 271 -16.54 6.90 -20.68
CA GLY A 271 -17.46 5.90 -21.21
C GLY A 271 -18.05 6.28 -22.56
N GLY A 272 -18.31 7.58 -22.77
CA GLY A 272 -18.88 8.01 -24.04
C GLY A 272 -17.96 7.71 -25.21
N ILE A 273 -16.71 8.15 -25.14
CA ILE A 273 -15.75 7.87 -26.20
C ILE A 273 -15.49 6.38 -26.29
N ALA A 274 -15.41 5.69 -25.14
CA ALA A 274 -15.22 4.25 -25.15
C ALA A 274 -16.37 3.56 -25.90
N LEU A 275 -17.62 3.89 -25.56
CA LEU A 275 -18.74 3.26 -26.25
C LEU A 275 -18.78 3.65 -27.73
N ALA A 276 -18.43 4.89 -28.05
CA ALA A 276 -18.40 5.29 -29.45
C ALA A 276 -17.44 4.43 -30.24
N GLN A 277 -16.31 4.08 -29.64
CA GLN A 277 -15.31 3.25 -30.32
C GLN A 277 -15.67 1.77 -30.27
N LEU A 278 -16.20 1.30 -29.14
CA LEU A 278 -16.57 -0.11 -29.03
C LEU A 278 -17.65 -0.46 -30.05
N ILE A 279 -18.72 0.34 -30.08
CA ILE A 279 -19.82 0.05 -31.01
C ILE A 279 -19.38 0.25 -32.44
N GLY A 280 -18.67 1.35 -32.71
CA GLY A 280 -18.24 1.63 -34.07
C GLY A 280 -17.29 0.59 -34.62
N ILE A 281 -16.38 0.09 -33.79
CA ILE A 281 -15.42 -0.90 -34.27
C ILE A 281 -16.11 -2.25 -34.44
N LYS A 282 -16.96 -2.63 -33.48
CA LYS A 282 -17.68 -3.90 -33.61
C LYS A 282 -18.48 -3.91 -34.91
N GLU A 283 -19.13 -2.79 -35.24
CA GLU A 283 -19.91 -2.71 -36.46
C GLU A 283 -19.02 -2.90 -37.68
N GLN A 284 -17.84 -2.26 -37.69
CA GLN A 284 -16.92 -2.40 -38.82
C GLN A 284 -16.45 -3.85 -38.97
N ARG A 285 -16.34 -4.58 -37.86
CA ARG A 285 -15.89 -5.96 -37.88
C ARG A 285 -17.04 -6.96 -37.86
N ALA A 286 -18.20 -6.56 -38.39
CA ALA A 286 -19.36 -7.44 -38.36
C ALA A 286 -19.07 -8.80 -38.96
N ALA A 287 -18.29 -8.83 -40.04
CA ALA A 287 -17.99 -10.11 -40.69
C ALA A 287 -17.33 -11.08 -39.74
N ASP A 288 -16.48 -10.58 -38.84
CA ASP A 288 -15.80 -11.45 -37.88
C ASP A 288 -16.74 -11.94 -36.79
N PHE A 289 -17.76 -11.14 -36.47
CA PHE A 289 -18.75 -11.52 -35.48
C PHE A 289 -19.88 -12.35 -36.06
N LYS A 290 -19.96 -12.49 -37.37
CA LYS A 290 -21.05 -13.25 -37.98
C LYS A 290 -20.88 -14.73 -37.66
N GLY A 291 -21.89 -15.33 -37.05
CA GLY A 291 -21.89 -16.73 -36.72
C GLY A 291 -21.35 -17.09 -35.35
N VAL A 292 -20.62 -16.20 -34.69
CA VAL A 292 -19.94 -16.54 -33.46
C VAL A 292 -20.89 -16.39 -32.29
N GLU A 293 -20.98 -17.43 -31.46
CA GLU A 293 -21.93 -17.46 -30.37
C GLU A 293 -21.51 -16.51 -29.26
N LEU A 294 -22.50 -15.98 -28.55
CA LEU A 294 -22.23 -15.09 -27.43
C LEU A 294 -21.36 -15.80 -26.40
N ASN A 295 -20.26 -15.16 -26.02
CA ASN A 295 -19.36 -15.65 -24.98
C ASN A 295 -18.66 -16.94 -25.36
N SER A 296 -18.58 -17.22 -26.65
CA SER A 296 -17.57 -18.15 -27.14
C SER A 296 -16.19 -17.52 -26.93
N ALA A 297 -15.16 -18.37 -26.98
CA ALA A 297 -13.82 -17.84 -26.84
C ALA A 297 -13.49 -16.86 -27.97
N LYS A 298 -14.03 -17.09 -29.17
CA LYS A 298 -13.82 -16.16 -30.27
C LYS A 298 -14.51 -14.83 -30.00
N TYR A 299 -15.75 -14.87 -29.53
CA TYR A 299 -16.44 -13.64 -29.15
C TYR A 299 -15.64 -12.86 -28.13
N ILE A 300 -15.23 -13.53 -27.04
CA ILE A 300 -14.53 -12.86 -25.95
C ILE A 300 -13.19 -12.34 -26.46
N HIS A 301 -12.51 -13.10 -27.32
CA HIS A 301 -11.24 -12.61 -27.86
C HIS A 301 -11.44 -11.34 -28.69
N LEU A 302 -12.50 -11.31 -29.51
CA LEU A 302 -12.71 -10.15 -30.36
C LEU A 302 -13.03 -8.91 -29.52
N LEU A 303 -13.85 -9.08 -28.49
CA LEU A 303 -14.14 -7.95 -27.60
C LEU A 303 -12.85 -7.46 -26.93
N SER A 304 -12.01 -8.40 -26.49
CA SER A 304 -10.74 -8.00 -25.88
C SER A 304 -9.88 -7.23 -26.88
N GLU A 305 -9.83 -7.68 -28.13
CA GLU A 305 -9.03 -7.02 -29.14
C GLU A 305 -9.49 -5.58 -29.35
N ILE A 306 -10.80 -5.34 -29.33
CA ILE A 306 -11.32 -3.98 -29.43
C ILE A 306 -10.99 -3.19 -28.16
N GLU A 307 -11.19 -3.82 -27.00
CA GLU A 307 -10.95 -3.14 -25.73
C GLU A 307 -9.49 -2.72 -25.58
N LYS A 308 -8.57 -3.48 -26.18
CA LYS A 308 -7.18 -3.06 -26.21
C LYS A 308 -7.03 -1.64 -26.74
N ARG A 309 -7.64 -1.36 -27.89
CA ARG A 309 -7.45 -0.06 -28.53
C ARG A 309 -8.18 1.03 -27.77
N VAL A 310 -9.37 0.71 -27.26
CA VAL A 310 -10.13 1.69 -26.47
C VAL A 310 -9.31 2.18 -25.28
N PHE A 311 -8.72 1.26 -24.54
CA PHE A 311 -7.98 1.65 -23.35
C PHE A 311 -6.64 2.29 -23.67
N ALA A 312 -6.05 1.99 -24.83
CA ALA A 312 -4.85 2.71 -25.24
C ALA A 312 -5.17 4.19 -25.42
N ASP A 313 -6.31 4.51 -26.02
CA ASP A 313 -6.69 5.90 -26.20
C ASP A 313 -7.12 6.52 -24.88
N ARG A 314 -7.81 5.74 -24.05
CA ARG A 314 -8.28 6.24 -22.76
C ARG A 314 -7.13 6.79 -21.92
N ALA A 315 -6.02 6.04 -21.88
CA ALA A 315 -4.92 6.42 -21.00
C ALA A 315 -4.19 7.66 -21.50
N ASP A 316 -4.13 7.86 -22.81
CA ASP A 316 -3.25 8.89 -23.36
C ASP A 316 -3.92 10.23 -23.55
N TYR A 317 -5.24 10.26 -23.76
CA TYR A 317 -5.88 11.48 -24.20
C TYR A 317 -6.90 12.05 -23.23
N LEU A 318 -7.52 11.23 -22.40
CA LEU A 318 -8.80 11.61 -21.78
C LEU A 318 -8.62 12.18 -20.38
N GLY A 319 -9.39 13.23 -20.10
CA GLY A 319 -9.40 13.86 -18.80
C GLY A 319 -10.46 14.93 -18.77
N ASP A 320 -10.46 15.74 -17.72
CA ASP A 320 -11.35 16.89 -17.63
C ASP A 320 -11.22 17.73 -18.90
N PRO A 321 -12.30 17.94 -19.66
CA PRO A 321 -12.14 18.57 -20.99
C PRO A 321 -11.86 20.06 -20.95
N GLN A 322 -11.98 20.71 -19.79
CA GLN A 322 -11.63 22.13 -19.69
C GLN A 322 -10.21 22.34 -19.17
N PHE A 323 -9.47 21.27 -18.89
CA PHE A 323 -8.09 21.38 -18.42
C PHE A 323 -7.07 20.93 -19.46
N SER A 324 -7.51 20.44 -20.60
CA SER A 324 -6.64 20.14 -21.74
C SER A 324 -7.51 20.10 -22.98
N LYS A 325 -6.88 20.28 -24.14
CA LYS A 325 -7.58 20.24 -25.42
C LYS A 325 -7.68 18.78 -25.84
N VAL A 326 -8.78 18.14 -25.49
CA VAL A 326 -8.95 16.71 -25.76
C VAL A 326 -9.47 16.55 -27.19
N PRO A 327 -8.81 15.73 -28.02
CA PRO A 327 -9.24 15.58 -29.43
C PRO A 327 -10.42 14.61 -29.59
N VAL A 328 -11.56 15.01 -29.04
CA VAL A 328 -12.73 14.12 -29.00
C VAL A 328 -13.16 13.77 -30.43
N ALA A 329 -13.35 14.79 -31.27
CA ALA A 329 -13.79 14.54 -32.63
C ALA A 329 -12.82 13.60 -33.34
N GLN A 330 -11.53 13.85 -33.19
CA GLN A 330 -10.53 13.01 -33.86
C GLN A 330 -10.65 11.56 -33.41
N LEU A 331 -10.93 11.34 -32.12
CA LEU A 331 -11.01 9.99 -31.60
C LEU A 331 -12.33 9.30 -31.91
N THR A 332 -13.31 10.01 -32.48
CA THR A 332 -14.59 9.40 -32.80
C THR A 332 -14.98 9.62 -34.26
N ASP A 333 -14.08 10.12 -35.11
CA ASP A 333 -14.38 10.25 -36.53
C ASP A 333 -14.53 8.87 -37.14
N PRO A 334 -15.50 8.67 -38.03
CA PRO A 334 -15.68 7.33 -38.63
C PRO A 334 -14.43 6.79 -39.31
N LYS A 335 -13.58 7.66 -39.84
CA LYS A 335 -12.34 7.20 -40.49
C LYS A 335 -11.36 6.68 -39.44
N TYR A 336 -11.26 7.35 -38.30
CA TYR A 336 -10.44 6.83 -37.21
C TYR A 336 -10.98 5.49 -36.71
N ILE A 337 -12.30 5.40 -36.55
CA ILE A 337 -12.92 4.14 -36.16
C ILE A 337 -12.55 3.04 -37.14
N ALA A 338 -12.54 3.35 -38.43
CA ALA A 338 -12.20 2.35 -39.43
C ALA A 338 -10.75 1.92 -39.31
N LYS A 339 -9.83 2.88 -39.13
CA LYS A 339 -8.42 2.54 -38.97
C LYS A 339 -8.22 1.62 -37.76
N ARG A 340 -8.80 2.01 -36.62
CA ARG A 340 -8.62 1.22 -35.40
C ARG A 340 -9.26 -0.16 -35.54
N ALA A 341 -10.40 -0.25 -36.22
CA ALA A 341 -11.02 -1.54 -36.42
C ALA A 341 -10.10 -2.46 -37.23
N GLY A 342 -9.37 -1.90 -38.18
CA GLY A 342 -8.42 -2.71 -38.93
C GLY A 342 -7.39 -3.41 -38.06
N GLU A 343 -7.01 -2.79 -36.93
CA GLU A 343 -6.00 -3.39 -36.07
C GLU A 343 -6.49 -4.65 -35.40
N VAL A 344 -7.80 -4.86 -35.30
CA VAL A 344 -8.33 -6.01 -34.58
C VAL A 344 -7.82 -7.29 -35.23
N ASN A 345 -7.22 -8.17 -34.44
CA ASN A 345 -6.73 -9.45 -34.93
C ASN A 345 -7.73 -10.52 -34.53
N PRO A 346 -8.50 -11.08 -35.47
CA PRO A 346 -9.55 -12.04 -35.07
C PRO A 346 -9.03 -13.41 -34.69
N ASP A 347 -7.79 -13.75 -35.04
CA ASP A 347 -7.30 -15.11 -34.81
C ASP A 347 -6.27 -15.22 -33.69
N ALA A 348 -5.66 -14.12 -33.26
CA ALA A 348 -4.64 -14.19 -32.23
C ALA A 348 -4.57 -12.86 -31.50
N ILE A 349 -3.94 -12.90 -30.33
CA ILE A 349 -3.79 -11.70 -29.49
C ILE A 349 -2.79 -10.76 -30.16
N SER A 350 -3.18 -9.49 -30.30
CA SER A 350 -2.25 -8.47 -30.74
C SER A 350 -1.22 -8.18 -29.65
N ALA A 351 -0.01 -7.82 -30.09
CA ALA A 351 1.07 -7.58 -29.15
C ALA A 351 0.76 -6.35 -28.31
N THR A 352 0.66 -6.55 -27.00
CA THR A 352 0.22 -5.47 -26.11
C THR A 352 1.08 -4.23 -26.29
N GLU A 353 2.41 -4.40 -26.28
CA GLU A 353 3.30 -3.26 -26.40
C GLU A 353 3.17 -2.53 -27.73
N LYS A 354 2.53 -3.14 -28.72
CA LYS A 354 2.37 -2.49 -30.03
C LYS A 354 1.02 -1.79 -30.19
N VAL A 355 0.12 -1.92 -29.22
CA VAL A 355 -1.18 -1.23 -29.25
C VAL A 355 -0.92 0.21 -28.79
N ARG A 356 -0.93 1.14 -29.73
CA ARG A 356 -0.54 2.52 -29.47
C ARG A 356 -1.76 3.43 -29.39
N PRO A 357 -1.61 4.61 -28.80
CA PRO A 357 -2.66 5.64 -28.96
C PRO A 357 -2.82 6.00 -30.43
N GLY A 358 -4.07 6.02 -30.87
CA GLY A 358 -4.35 6.00 -32.30
C GLY A 358 -4.00 7.28 -33.04
N LEU A 359 -3.87 8.40 -32.35
CA LEU A 359 -3.49 9.65 -33.00
C LEU A 359 -2.01 9.94 -32.88
N GLU A 360 -1.25 9.01 -32.31
CA GLU A 360 0.18 9.19 -32.15
C GLU A 360 0.87 9.22 -33.51
N PRO A 361 1.53 10.32 -33.89
CA PRO A 361 2.21 10.36 -35.21
C PRO A 361 3.33 9.33 -35.33
N THR B 1 -19.98 2.32 -6.18
CA THR B 1 -20.83 2.95 -7.22
C THR B 1 -22.19 2.28 -7.25
N THR B 2 -23.22 3.01 -7.68
CA THR B 2 -24.51 2.39 -7.93
C THR B 2 -25.22 3.17 -9.03
N HIS B 3 -26.20 2.51 -9.65
CA HIS B 3 -26.96 3.09 -10.76
C HIS B 3 -28.44 2.84 -10.58
N PHE B 4 -29.26 3.80 -11.00
CA PHE B 4 -30.70 3.55 -11.14
C PHE B 4 -31.21 4.20 -12.41
N SER B 5 -32.31 3.63 -12.92
CA SER B 5 -32.93 4.07 -14.16
C SER B 5 -34.42 4.30 -13.89
N ILE B 6 -34.95 5.38 -14.45
CA ILE B 6 -36.35 5.74 -14.29
C ILE B 6 -36.91 6.23 -15.63
N VAL B 7 -38.13 5.77 -15.95
CA VAL B 7 -38.92 6.32 -17.04
C VAL B 7 -40.28 6.73 -16.46
N ASP B 8 -40.79 7.89 -16.87
CA ASP B 8 -42.14 8.29 -16.43
C ASP B 8 -43.15 8.11 -17.57
N LYS B 9 -44.43 8.28 -17.21
CA LYS B 9 -45.50 7.98 -18.15
C LYS B 9 -45.53 8.92 -19.34
N ASP B 10 -44.83 10.04 -19.28
CA ASP B 10 -44.70 10.94 -20.42
C ASP B 10 -43.58 10.57 -21.38
N GLY B 11 -42.86 9.49 -21.11
CA GLY B 11 -41.74 9.09 -21.95
C GLY B 11 -40.44 9.77 -21.60
N ASN B 12 -40.39 10.54 -20.52
CA ASN B 12 -39.15 11.13 -20.06
C ASN B 12 -38.36 10.11 -19.28
N ALA B 13 -37.03 10.23 -19.30
CA ALA B 13 -36.18 9.22 -18.69
C ALA B 13 -34.99 9.83 -17.98
N VAL B 14 -34.57 9.18 -16.90
CA VAL B 14 -33.38 9.55 -16.15
C VAL B 14 -32.53 8.31 -15.98
N SER B 15 -31.25 8.41 -16.29
CA SER B 15 -30.30 7.33 -16.04
C SER B 15 -29.22 7.98 -15.17
N ASN B 16 -29.03 7.47 -13.95
CA ASN B 16 -28.20 8.15 -12.97
C ASN B 16 -27.22 7.20 -12.31
N THR B 17 -25.93 7.44 -12.53
CA THR B 17 -24.87 6.70 -11.85
C THR B 17 -24.18 7.68 -10.90
N TYR B 18 -23.99 7.28 -9.65
N TYR B 18 -24.00 7.28 -9.64
CA TYR B 18 -23.27 8.12 -8.70
CA TYR B 18 -23.30 8.12 -8.68
C TYR B 18 -22.58 7.20 -7.69
C TYR B 18 -22.64 7.22 -7.63
N THR B 19 -21.71 7.79 -6.87
CA THR B 19 -20.73 6.95 -6.19
C THR B 19 -19.93 7.71 -5.15
N LEU B 20 -19.29 6.93 -4.27
CA LEU B 20 -18.21 7.38 -3.40
C LEU B 20 -16.86 6.95 -3.94
N ASN B 21 -16.85 6.23 -5.07
CA ASN B 21 -15.76 5.44 -5.63
C ASN B 21 -15.76 4.04 -4.98
N TRP B 22 -14.83 3.75 -4.07
CA TRP B 22 -14.86 2.43 -3.48
C TRP B 22 -15.92 2.35 -2.39
N ASP B 23 -16.18 1.12 -1.93
CA ASP B 23 -17.25 0.88 -0.97
C ASP B 23 -17.03 1.76 0.26
N PHE B 24 -18.05 2.56 0.60
CA PHE B 24 -17.99 3.49 1.72
C PHE B 24 -16.87 4.53 1.55
N GLY B 25 -16.36 4.67 0.34
CA GLY B 25 -15.48 5.79 0.01
C GLY B 25 -14.22 5.78 0.84
N SER B 26 -13.90 6.95 1.39
CA SER B 26 -12.69 7.16 2.17
C SER B 26 -12.78 6.59 3.57
N GLY B 27 -13.94 6.09 3.97
CA GLY B 27 -14.17 5.69 5.33
C GLY B 27 -14.28 6.82 6.32
N VAL B 28 -14.25 8.06 5.87
CA VAL B 28 -14.37 9.22 6.75
C VAL B 28 -15.82 9.67 6.76
N VAL B 29 -16.38 9.80 7.97
CA VAL B 29 -17.74 10.31 8.18
C VAL B 29 -17.64 11.72 8.71
N VAL B 30 -18.48 12.61 8.20
CA VAL B 30 -18.52 13.98 8.69
C VAL B 30 -19.19 13.98 10.06
N LYS B 31 -18.40 14.15 11.12
CA LYS B 31 -18.93 14.17 12.47
C LYS B 31 -19.99 15.26 12.61
N GLY B 32 -21.13 14.89 13.18
CA GLY B 32 -22.26 15.76 13.35
C GLY B 32 -23.27 15.69 12.21
N ALA B 33 -22.82 15.29 11.02
CA ALA B 33 -23.69 15.21 9.83
C ALA B 33 -24.01 13.79 9.41
N GLY B 34 -23.08 12.85 9.57
CA GLY B 34 -23.40 11.45 9.44
C GLY B 34 -23.22 10.84 8.06
N PHE B 35 -22.65 11.57 7.11
CA PHE B 35 -22.46 11.02 5.77
C PHE B 35 -20.99 10.79 5.46
N LEU B 36 -20.75 9.80 4.63
CA LEU B 36 -19.41 9.39 4.26
C LEU B 36 -18.86 10.30 3.17
N LEU B 37 -17.54 10.51 3.19
CA LEU B 37 -16.86 11.24 2.12
C LEU B 37 -16.22 10.28 1.13
N ASN B 38 -16.27 10.65 -0.14
CA ASN B 38 -15.75 9.86 -1.24
C ASN B 38 -14.24 9.68 -1.13
N ASP B 39 -13.73 8.65 -1.81
CA ASP B 39 -12.28 8.57 -2.05
C ASP B 39 -12.08 8.65 -3.57
N GLU B 40 -12.69 9.68 -4.17
CA GLU B 40 -12.78 9.74 -5.62
C GLU B 40 -11.43 10.16 -6.24
N MET B 41 -10.49 10.64 -5.41
CA MET B 41 -9.25 11.19 -5.93
C MET B 41 -8.40 10.12 -6.59
N ASP B 42 -8.54 8.86 -6.19
CA ASP B 42 -7.77 7.78 -6.80
C ASP B 42 -8.10 7.57 -8.27
N ASP B 43 -9.16 8.21 -8.79
CA ASP B 43 -9.44 8.15 -10.22
C ASP B 43 -8.55 9.07 -11.03
N PHE B 44 -7.85 10.01 -10.39
CA PHE B 44 -6.77 10.72 -11.04
C PHE B 44 -5.59 9.77 -11.28
N SER B 45 -4.73 10.14 -12.20
CA SER B 45 -3.42 9.50 -12.30
C SER B 45 -2.50 10.12 -11.25
N SER B 46 -2.11 9.34 -10.25
CA SER B 46 -1.21 9.83 -9.21
C SER B 46 0.24 9.93 -9.69
N LYS B 47 0.60 9.18 -10.72
CA LYS B 47 1.98 9.09 -11.22
C LYS B 47 1.89 8.47 -12.62
N PRO B 48 2.53 9.07 -13.62
CA PRO B 48 2.38 8.56 -14.99
C PRO B 48 2.70 7.07 -15.07
N GLY B 49 1.85 6.34 -15.80
CA GLY B 49 2.04 4.93 -16.06
C GLY B 49 1.73 4.00 -14.90
N VAL B 50 1.44 4.52 -13.72
CA VAL B 50 1.17 3.70 -12.54
C VAL B 50 -0.33 3.49 -12.42
N ALA B 51 -0.75 2.23 -12.37
CA ALA B 51 -2.17 1.91 -12.32
C ALA B 51 -2.78 2.37 -11.00
N ASN B 52 -4.06 2.76 -11.06
CA ASN B 52 -4.82 3.05 -9.86
C ASN B 52 -5.52 1.78 -9.41
N ALA B 53 -6.51 1.92 -8.52
CA ALA B 53 -7.12 0.74 -7.92
C ALA B 53 -7.94 -0.08 -8.91
N PHE B 54 -8.27 0.49 -10.08
CA PHE B 54 -9.00 -0.24 -11.12
C PHE B 54 -8.08 -0.78 -12.22
N GLY B 55 -6.77 -0.53 -12.12
CA GLY B 55 -5.84 -1.02 -13.11
C GLY B 55 -5.63 -0.11 -14.30
N VAL B 56 -6.18 1.11 -14.28
CA VAL B 56 -6.10 2.02 -15.40
C VAL B 56 -4.98 3.03 -15.13
N VAL B 57 -4.37 3.51 -16.20
CA VAL B 57 -3.22 4.40 -16.12
C VAL B 57 -3.56 5.72 -16.82
N GLY B 58 -2.66 6.68 -16.66
CA GLY B 58 -2.80 7.97 -17.31
C GLY B 58 -1.50 8.73 -17.25
N SER B 59 -1.53 9.95 -17.78
CA SER B 59 -0.39 10.85 -17.71
C SER B 59 -0.86 12.29 -17.54
N ASP B 60 -0.68 13.12 -18.55
CA ASP B 60 -0.99 14.55 -18.39
C ASP B 60 -2.49 14.79 -18.29
N ALA B 61 -3.26 14.18 -19.19
CA ALA B 61 -4.67 14.56 -19.32
C ALA B 61 -5.43 14.36 -18.01
N ASN B 62 -5.16 13.26 -17.31
CA ASN B 62 -5.89 12.91 -16.08
C ASN B 62 -5.03 13.11 -14.84
N ALA B 63 -4.04 14.01 -14.92
CA ALA B 63 -3.22 14.32 -13.77
C ALA B 63 -3.95 15.26 -12.82
N ILE B 64 -3.54 15.23 -11.55
CA ILE B 64 -4.20 16.06 -10.55
C ILE B 64 -3.90 17.52 -10.80
N GLU B 65 -4.95 18.34 -10.77
CA GLU B 65 -4.84 19.80 -10.81
C GLU B 65 -5.97 20.36 -9.96
N PRO B 66 -5.76 21.49 -9.29
CA PRO B 66 -6.84 22.07 -8.49
C PRO B 66 -8.08 22.33 -9.33
N GLY B 67 -9.24 22.07 -8.73
CA GLY B 67 -10.52 22.31 -9.39
C GLY B 67 -10.83 21.39 -10.54
N LYS B 68 -10.03 20.36 -10.76
CA LYS B 68 -10.18 19.48 -11.91
C LYS B 68 -11.06 18.28 -11.56
N ARG B 69 -11.88 17.87 -12.53
CA ARG B 69 -12.65 16.65 -12.40
C ARG B 69 -11.81 15.46 -12.83
N MET B 70 -11.81 14.41 -12.00
CA MET B 70 -11.05 13.21 -12.26
C MET B 70 -11.78 12.28 -13.22
N LEU B 71 -11.01 11.67 -14.13
CA LEU B 71 -11.61 10.88 -15.18
C LEU B 71 -12.44 9.74 -14.61
N SER B 72 -13.63 9.53 -15.19
CA SER B 72 -14.58 8.53 -14.75
C SER B 72 -14.83 7.51 -15.85
N SER B 73 -15.33 6.34 -15.44
CA SER B 73 -15.86 5.34 -16.37
C SER B 73 -17.39 5.28 -16.32
N MET B 74 -18.00 6.02 -15.41
CA MET B 74 -19.47 5.97 -15.21
C MET B 74 -20.16 6.41 -16.50
N SER B 75 -21.14 5.62 -16.93
CA SER B 75 -21.71 5.76 -18.27
C SER B 75 -23.22 5.60 -18.24
N PRO B 76 -23.92 6.42 -17.47
CA PRO B 76 -25.38 6.38 -17.50
C PRO B 76 -25.88 6.64 -18.92
N SER B 77 -26.79 5.78 -19.40
CA SER B 77 -27.09 5.73 -20.82
C SER B 77 -28.59 5.66 -21.08
N ILE B 78 -28.98 6.27 -22.20
CA ILE B 78 -30.35 6.21 -22.69
C ILE B 78 -30.28 5.97 -24.19
N VAL B 79 -30.86 4.88 -24.64
CA VAL B 79 -31.02 4.59 -26.06
C VAL B 79 -32.41 5.05 -26.50
N THR B 80 -32.48 5.66 -27.66
CA THR B 80 -33.73 6.10 -28.26
C THR B 80 -33.83 5.51 -29.67
N ARG B 81 -35.04 5.56 -30.20
CA ARG B 81 -35.27 5.18 -31.59
C ARG B 81 -36.45 6.02 -32.07
N ASP B 82 -36.26 6.74 -33.19
CA ASP B 82 -37.30 7.58 -33.76
C ASP B 82 -37.76 8.66 -32.78
N GLY B 83 -36.83 9.17 -31.98
CA GLY B 83 -37.12 10.23 -31.05
C GLY B 83 -37.80 9.82 -29.77
N HIS B 84 -37.91 8.52 -29.51
CA HIS B 84 -38.55 7.99 -28.32
C HIS B 84 -37.58 7.11 -27.53
N VAL B 85 -37.64 7.18 -26.20
CA VAL B 85 -36.81 6.34 -25.36
C VAL B 85 -37.12 4.88 -25.63
N SER B 86 -36.06 4.07 -25.78
CA SER B 86 -36.21 2.64 -26.00
C SER B 86 -35.49 1.80 -24.94
N LEU B 87 -34.41 2.30 -24.35
CA LEU B 87 -33.69 1.54 -23.33
C LEU B 87 -32.96 2.50 -22.43
N VAL B 88 -33.11 2.31 -21.12
CA VAL B 88 -32.39 3.08 -20.12
C VAL B 88 -31.54 2.11 -19.31
N LEU B 89 -30.25 2.37 -19.18
CA LEU B 89 -29.43 1.44 -18.45
C LEU B 89 -28.15 2.08 -17.96
N GLY B 90 -27.56 1.43 -16.96
CA GLY B 90 -26.28 1.84 -16.39
C GLY B 90 -25.88 0.83 -15.35
N THR B 91 -24.66 0.99 -14.82
CA THR B 91 -24.13 0.00 -13.88
C THR B 91 -22.94 0.58 -13.13
N PRO B 92 -22.65 0.07 -11.93
CA PRO B 92 -21.33 0.28 -11.32
C PRO B 92 -20.31 -0.66 -11.95
N GLY B 93 -19.07 -0.55 -11.49
CA GLY B 93 -18.03 -1.49 -11.89
C GLY B 93 -16.71 -0.86 -12.29
N GLY B 94 -16.51 0.41 -11.96
CA GLY B 94 -15.26 1.07 -12.29
C GLY B 94 -14.95 1.01 -13.77
N SER B 95 -13.71 0.61 -14.09
CA SER B 95 -13.30 0.52 -15.49
C SER B 95 -14.06 -0.56 -16.27
N ARG B 96 -14.88 -1.36 -15.60
CA ARG B 96 -15.72 -2.34 -16.28
C ARG B 96 -17.07 -1.76 -16.72
N ILE B 97 -17.39 -0.53 -16.32
CA ILE B 97 -18.76 -0.03 -16.51
C ILE B 97 -19.12 -0.01 -17.99
N PHE B 98 -18.31 0.66 -18.82
CA PHE B 98 -18.70 0.81 -20.22
C PHE B 98 -18.54 -0.48 -21.01
N THR B 99 -17.62 -1.39 -20.61
CA THR B 99 -17.59 -2.70 -21.27
C THR B 99 -18.79 -3.57 -20.89
N SER B 100 -19.25 -3.48 -19.63
CA SER B 100 -20.47 -4.19 -19.27
C SER B 100 -21.67 -3.67 -20.03
N ILE B 101 -21.81 -2.34 -20.13
CA ILE B 101 -22.91 -1.76 -20.90
C ILE B 101 -22.80 -2.20 -22.36
N PHE B 102 -21.60 -2.17 -22.92
CA PHE B 102 -21.38 -2.64 -24.29
C PHE B 102 -21.92 -4.06 -24.48
N GLN B 103 -21.61 -4.95 -23.53
CA GLN B 103 -22.06 -6.33 -23.64
C GLN B 103 -23.58 -6.42 -23.53
N VAL B 104 -24.19 -5.71 -22.60
CA VAL B 104 -25.65 -5.74 -22.51
C VAL B 104 -26.27 -5.24 -23.82
N LEU B 105 -25.68 -4.20 -24.41
CA LEU B 105 -26.21 -3.68 -25.68
C LEU B 105 -26.06 -4.70 -26.79
N ASN B 106 -24.92 -5.41 -26.81
CA ASN B 106 -24.74 -6.48 -27.80
C ASN B 106 -25.78 -7.56 -27.59
N ASN B 107 -26.05 -7.92 -26.34
CA ASN B 107 -27.00 -8.98 -26.05
C ASN B 107 -28.40 -8.58 -26.51
N VAL B 108 -28.77 -7.32 -26.31
CA VAL B 108 -30.11 -6.87 -26.68
C VAL B 108 -30.24 -6.70 -28.19
N TYR B 109 -29.28 -6.01 -28.81
CA TYR B 109 -29.44 -5.56 -30.20
C TYR B 109 -28.84 -6.48 -31.24
N ASP B 110 -27.80 -7.24 -30.90
CA ASP B 110 -27.18 -8.17 -31.86
C ASP B 110 -27.65 -9.60 -31.64
N PHE B 111 -27.64 -10.09 -30.40
CA PHE B 111 -28.10 -11.43 -30.07
C PHE B 111 -29.60 -11.51 -29.81
N HIS B 112 -30.28 -10.37 -29.76
CA HIS B 112 -31.74 -10.30 -29.61
C HIS B 112 -32.21 -11.12 -28.42
N LEU B 113 -31.50 -11.03 -27.32
CA LEU B 113 -31.88 -11.72 -26.11
C LEU B 113 -32.93 -10.89 -25.34
N PRO B 114 -33.89 -11.54 -24.70
CA PRO B 114 -34.81 -10.78 -23.81
C PRO B 114 -34.02 -10.06 -22.72
N LEU B 115 -34.62 -9.00 -22.20
CA LEU B 115 -33.88 -8.08 -21.33
C LEU B 115 -33.30 -8.78 -20.11
N GLU B 116 -34.12 -9.59 -19.42
CA GLU B 116 -33.62 -10.27 -18.22
C GLU B 116 -32.45 -11.19 -18.55
N LYS B 117 -32.50 -11.87 -19.70
CA LYS B 117 -31.40 -12.74 -20.07
C LYS B 117 -30.18 -11.92 -20.49
N ALA B 118 -30.39 -10.81 -21.19
CA ALA B 118 -29.27 -9.98 -21.60
C ALA B 118 -28.52 -9.43 -20.38
N VAL B 119 -29.25 -9.18 -19.29
CA VAL B 119 -28.63 -8.62 -18.08
C VAL B 119 -28.03 -9.71 -17.23
N ALA B 120 -28.66 -10.89 -17.17
CA ALA B 120 -28.14 -11.98 -16.36
C ALA B 120 -26.92 -12.65 -17.00
N ALA B 121 -26.72 -12.45 -18.29
CA ALA B 121 -25.68 -13.18 -19.01
C ALA B 121 -24.30 -12.89 -18.47
N GLN B 122 -23.42 -13.88 -18.61
CA GLN B 122 -22.02 -13.71 -18.23
C GLN B 122 -21.40 -12.51 -18.93
N ARG B 123 -20.62 -11.74 -18.17
CA ARG B 123 -19.84 -10.64 -18.71
C ARG B 123 -18.39 -10.81 -18.28
N VAL B 124 -17.46 -10.44 -19.15
CA VAL B 124 -16.04 -10.48 -18.88
C VAL B 124 -15.44 -9.15 -19.31
N HIS B 125 -14.14 -8.97 -19.03
CA HIS B 125 -13.53 -7.67 -19.18
C HIS B 125 -12.04 -7.81 -19.49
N HIS B 126 -11.57 -6.98 -20.41
CA HIS B 126 -10.15 -6.81 -20.70
C HIS B 126 -9.88 -5.32 -20.88
N GLN B 127 -8.69 -4.87 -20.49
CA GLN B 127 -8.43 -3.43 -20.56
C GLN B 127 -6.97 -3.11 -20.88
N LEU B 128 -6.33 -3.96 -21.69
CA LEU B 128 -4.98 -3.76 -22.20
C LEU B 128 -3.93 -3.99 -21.12
N LEU B 129 -4.07 -3.30 -19.99
CA LEU B 129 -3.20 -3.49 -18.84
C LEU B 129 -4.05 -3.81 -17.62
N PRO B 130 -3.76 -4.90 -16.88
CA PRO B 130 -2.66 -5.87 -17.07
C PRO B 130 -2.70 -6.62 -18.39
N LYS B 131 -1.52 -6.90 -18.92
CA LYS B 131 -1.39 -7.47 -20.26
C LYS B 131 -2.20 -8.75 -20.39
N ASP B 132 -2.96 -8.83 -21.48
CA ASP B 132 -3.68 -10.03 -21.89
C ASP B 132 -4.39 -10.70 -20.71
N THR B 133 -4.91 -9.88 -19.80
CA THR B 133 -5.65 -10.38 -18.65
C THR B 133 -7.13 -10.13 -18.86
N ILE B 134 -7.93 -11.18 -18.73
CA ILE B 134 -9.38 -11.11 -18.83
C ILE B 134 -9.96 -11.37 -17.45
N TYR B 135 -10.84 -10.49 -16.98
CA TYR B 135 -11.46 -10.60 -15.68
C TYR B 135 -12.84 -11.22 -15.79
N TYR B 136 -13.21 -11.95 -14.73
CA TYR B 136 -14.54 -12.53 -14.61
C TYR B 136 -14.94 -12.45 -13.15
N ASP B 137 -16.23 -12.69 -12.87
CA ASP B 137 -16.73 -12.67 -11.51
C ASP B 137 -17.20 -14.06 -11.12
N ALA B 138 -17.35 -14.26 -9.81
CA ALA B 138 -17.80 -15.55 -9.29
C ALA B 138 -19.27 -15.81 -9.58
N TYR B 139 -20.02 -14.79 -9.98
CA TYR B 139 -21.40 -15.01 -10.38
C TYR B 139 -21.47 -15.91 -11.60
N ALA B 140 -20.64 -15.63 -12.61
CA ALA B 140 -20.64 -16.39 -13.85
C ALA B 140 -19.20 -16.55 -14.30
N PRO B 141 -18.42 -17.37 -13.61
CA PRO B 141 -17.00 -17.45 -13.88
C PRO B 141 -16.69 -18.14 -15.21
N LEU B 142 -15.56 -17.76 -15.79
CA LEU B 142 -15.06 -18.44 -16.98
C LEU B 142 -14.60 -19.84 -16.60
N THR B 143 -15.12 -20.84 -17.32
CA THR B 143 -14.84 -22.22 -16.97
C THR B 143 -14.90 -23.08 -18.24
N GLY B 144 -14.66 -24.38 -18.06
CA GLY B 144 -14.88 -25.33 -19.13
C GLY B 144 -14.09 -25.02 -20.38
N LYS B 145 -14.66 -25.44 -21.52
CA LYS B 145 -13.95 -25.37 -22.79
C LYS B 145 -13.53 -23.96 -23.13
N VAL B 146 -14.43 -22.99 -22.93
CA VAL B 146 -14.12 -21.62 -23.32
C VAL B 146 -12.92 -21.10 -22.53
N ALA B 147 -12.87 -21.39 -21.24
CA ALA B 147 -11.73 -20.97 -20.42
C ALA B 147 -10.44 -21.60 -20.93
N ASP B 148 -10.47 -22.91 -21.24
CA ASP B 148 -9.28 -23.56 -21.77
C ASP B 148 -8.85 -22.92 -23.09
N GLU B 149 -9.81 -22.63 -23.97
CA GLU B 149 -9.48 -22.06 -25.26
C GLU B 149 -8.86 -20.68 -25.09
N LEU B 150 -9.37 -19.87 -24.16
CA LEU B 150 -8.79 -18.56 -23.93
C LEU B 150 -7.39 -18.68 -23.32
N LYS B 151 -7.26 -19.52 -22.29
CA LYS B 151 -5.94 -19.80 -21.72
C LYS B 151 -4.95 -20.24 -22.81
N ALA B 152 -5.41 -21.08 -23.73
CA ALA B 152 -4.52 -21.61 -24.76
C ALA B 152 -4.10 -20.52 -25.75
N MET B 153 -4.90 -19.47 -25.91
CA MET B 153 -4.53 -18.37 -26.79
C MET B 153 -3.46 -17.47 -26.21
N GLY B 154 -3.18 -17.59 -24.91
CA GLY B 154 -2.25 -16.71 -24.24
C GLY B 154 -2.86 -15.78 -23.21
N TYR B 155 -4.14 -15.89 -22.93
CA TYR B 155 -4.79 -14.99 -21.98
C TYR B 155 -4.63 -15.51 -20.55
N THR B 156 -4.50 -14.57 -19.60
CA THR B 156 -4.62 -14.85 -18.18
C THR B 156 -6.05 -14.56 -17.74
N LEU B 157 -6.66 -15.52 -17.06
CA LEU B 157 -8.04 -15.40 -16.56
C LEU B 157 -8.00 -15.19 -15.05
N GLU B 158 -8.74 -14.21 -14.56
CA GLU B 158 -8.68 -13.83 -13.15
C GLU B 158 -10.04 -13.48 -12.60
N ASP B 159 -10.39 -14.13 -11.48
CA ASP B 159 -11.55 -13.73 -10.68
C ASP B 159 -11.25 -12.38 -10.03
N GLN B 160 -12.03 -11.37 -10.36
CA GLN B 160 -11.74 -10.02 -9.89
C GLN B 160 -12.21 -9.78 -8.47
N GLY B 161 -12.91 -10.71 -7.84
CA GLY B 161 -13.24 -10.60 -6.44
C GLY B 161 -14.46 -9.77 -6.11
N ASP B 162 -15.23 -9.35 -7.11
CA ASP B 162 -16.51 -8.69 -6.89
C ASP B 162 -17.32 -8.88 -8.17
N ASN B 163 -18.65 -8.78 -8.04
CA ASN B 163 -19.51 -8.94 -9.19
C ASN B 163 -19.17 -7.94 -10.30
N MET B 164 -19.32 -8.36 -11.54
CA MET B 164 -19.00 -7.48 -12.66
C MET B 164 -20.23 -6.67 -13.07
N GLY B 165 -20.55 -5.69 -12.23
CA GLY B 165 -21.63 -4.78 -12.51
C GLY B 165 -22.87 -5.08 -11.70
N ASP B 166 -23.85 -4.20 -11.88
CA ASP B 166 -25.17 -4.29 -11.25
C ASP B 166 -26.08 -3.48 -12.17
N ILE B 167 -26.37 -4.05 -13.35
CA ILE B 167 -27.16 -3.34 -14.36
C ILE B 167 -28.56 -3.13 -13.82
N GLN B 168 -29.05 -1.91 -13.96
CA GLN B 168 -30.46 -1.56 -13.68
C GLN B 168 -30.99 -0.95 -14.97
N ALA B 169 -31.94 -1.63 -15.61
CA ALA B 169 -32.37 -1.27 -16.96
C ALA B 169 -33.89 -1.20 -17.07
N ILE B 170 -34.35 -0.38 -18.00
CA ILE B 170 -35.75 -0.29 -18.36
C ILE B 170 -35.81 -0.33 -19.88
N ARG B 171 -36.60 -1.24 -20.43
CA ARG B 171 -36.83 -1.30 -21.87
C ARG B 171 -38.23 -0.77 -22.14
N VAL B 172 -38.35 0.07 -23.16
CA VAL B 172 -39.62 0.60 -23.63
C VAL B 172 -39.90 -0.03 -24.98
N ASN B 173 -41.01 -0.74 -25.08
CA ASN B 173 -41.42 -1.52 -26.24
C ASN B 173 -42.76 -0.96 -26.72
N GLY B 174 -42.71 0.02 -27.61
CA GLY B 174 -43.92 0.76 -27.91
C GLY B 174 -44.39 1.52 -26.69
N LYS B 175 -45.58 1.19 -26.19
CA LYS B 175 -46.09 1.81 -24.98
C LYS B 175 -45.82 0.99 -23.72
N ALA B 176 -45.29 -0.21 -23.86
CA ALA B 176 -45.09 -1.13 -22.74
C ALA B 176 -43.71 -0.95 -22.13
N LEU B 177 -43.63 -1.14 -20.82
CA LEU B 177 -42.38 -1.01 -20.07
C LEU B 177 -41.98 -2.34 -19.44
N GLU B 178 -40.67 -2.60 -19.43
CA GLU B 178 -40.06 -3.79 -18.85
C GLU B 178 -38.88 -3.33 -18.02
N THR B 179 -38.67 -3.94 -16.85
CA THR B 179 -37.51 -3.64 -16.03
C THR B 179 -36.66 -4.89 -15.85
N ALA B 180 -35.36 -4.68 -15.58
CA ALA B 180 -34.45 -5.76 -15.24
C ALA B 180 -33.48 -5.26 -14.19
N SER B 181 -33.34 -6.02 -13.11
CA SER B 181 -32.40 -5.74 -12.04
C SER B 181 -31.38 -6.88 -12.01
N ASP B 182 -30.11 -6.53 -12.10
CA ASP B 182 -29.06 -7.53 -12.21
C ASP B 182 -29.18 -8.58 -11.11
N PRO B 183 -29.19 -9.87 -11.46
CA PRO B 183 -29.16 -10.90 -10.40
C PRO B 183 -27.92 -10.83 -9.53
N ARG B 184 -26.87 -10.16 -10.01
CA ARG B 184 -25.66 -10.01 -9.21
C ARG B 184 -25.88 -9.18 -7.96
N GLY B 185 -26.90 -8.32 -7.94
CA GLY B 185 -27.13 -7.48 -6.79
C GLY B 185 -28.50 -7.69 -6.17
N ARG B 186 -28.95 -6.75 -5.35
CA ARG B 186 -30.23 -6.85 -4.66
C ARG B 186 -31.23 -5.83 -5.17
N GLY B 187 -31.14 -5.47 -6.45
CA GLY B 187 -32.02 -4.46 -7.00
C GLY B 187 -33.45 -4.93 -7.19
N VAL B 188 -34.33 -3.96 -7.36
CA VAL B 188 -35.76 -4.19 -7.51
C VAL B 188 -36.27 -3.27 -8.62
N GLY B 189 -37.18 -3.77 -9.43
CA GLY B 189 -37.78 -2.96 -10.46
C GLY B 189 -39.29 -3.05 -10.37
N MET B 190 -39.95 -1.95 -10.74
CA MET B 190 -41.40 -1.89 -10.74
C MET B 190 -41.87 -1.06 -11.92
N VAL B 191 -42.96 -1.52 -12.57
CA VAL B 191 -43.72 -0.70 -13.51
C VAL B 191 -44.85 -0.06 -12.73
N VAL B 192 -45.08 1.24 -12.95
CA VAL B 192 -45.96 2.05 -12.11
C VAL B 192 -47.09 2.58 -12.98
N LYS B 193 -48.30 2.13 -12.72
CA LYS B 193 -49.41 2.57 -13.57
C LYS B 193 -50.06 3.84 -13.02
N PRO B 194 -50.59 4.71 -13.90
CA PRO B 194 -51.23 5.96 -13.47
C PRO B 194 -52.40 5.71 -12.52
N THR C 26 44.78 1.21 -6.01
CA THR C 26 44.77 -0.24 -6.19
C THR C 26 45.00 -0.95 -4.85
N LEU C 27 44.05 -1.78 -4.41
CA LEU C 27 44.13 -2.35 -3.07
C LEU C 27 45.02 -3.58 -3.05
N ASP C 28 45.66 -3.79 -1.91
CA ASP C 28 46.53 -4.94 -1.73
C ASP C 28 45.77 -6.26 -1.68
N GLY C 29 44.45 -6.20 -1.48
CA GLY C 29 43.65 -7.40 -1.45
C GLY C 29 42.22 -7.07 -1.06
N GLY C 30 41.48 -8.10 -0.67
CA GLY C 30 40.16 -7.95 -0.12
C GLY C 30 40.19 -8.24 1.37
N ALA C 31 39.01 -8.11 1.99
CA ALA C 31 38.92 -8.38 3.41
C ALA C 31 37.50 -8.72 3.79
N VAL C 32 37.37 -9.44 4.89
CA VAL C 32 36.08 -9.77 5.47
C VAL C 32 36.15 -9.65 6.99
N ALA C 33 35.10 -9.09 7.59
CA ALA C 33 34.90 -9.15 9.02
C ALA C 33 33.52 -9.77 9.22
N ALA C 34 33.50 -11.02 9.69
CA ALA C 34 32.26 -11.79 9.82
C ALA C 34 32.02 -12.17 11.27
N PRO C 35 30.76 -12.46 11.64
CA PRO C 35 30.45 -12.74 13.04
C PRO C 35 30.83 -14.13 13.51
N ASP C 36 31.27 -15.03 12.64
CA ASP C 36 31.88 -16.27 13.11
C ASP C 36 32.93 -16.73 12.10
N GLN C 37 33.62 -17.82 12.46
CA GLN C 37 34.73 -18.27 11.65
C GLN C 37 34.29 -18.82 10.30
N TYR C 38 33.05 -19.31 10.22
CA TYR C 38 32.56 -19.96 9.01
C TYR C 38 32.20 -18.93 7.96
N GLY C 39 31.48 -17.88 8.36
CA GLY C 39 31.24 -16.77 7.46
C GLY C 39 32.52 -16.17 6.92
N ALA C 40 33.53 -16.01 7.77
CA ALA C 40 34.78 -15.42 7.32
C ALA C 40 35.46 -16.32 6.30
N LYS C 41 35.57 -17.61 6.60
CA LYS C 41 36.24 -18.55 5.69
C LYS C 41 35.54 -18.57 4.34
N VAL C 42 34.21 -18.58 4.34
CA VAL C 42 33.47 -18.65 3.08
C VAL C 42 33.67 -17.38 2.26
N ALA C 43 33.55 -16.21 2.90
CA ALA C 43 33.77 -14.96 2.19
C ALA C 43 35.17 -14.93 1.58
N ALA C 44 36.17 -15.35 2.34
CA ALA C 44 37.54 -15.34 1.85
C ALA C 44 37.68 -16.26 0.66
N GLU C 45 37.08 -17.43 0.72
CA GLU C 45 37.18 -18.39 -0.38
C GLU C 45 36.55 -17.84 -1.66
N ILE C 46 35.41 -17.14 -1.53
CA ILE C 46 34.77 -16.57 -2.71
C ILE C 46 35.65 -15.48 -3.31
N LEU C 47 36.23 -14.63 -2.47
CA LEU C 47 37.12 -13.59 -2.98
C LEU C 47 38.32 -14.23 -3.67
N LYS C 48 38.89 -15.28 -3.09
CA LYS C 48 40.05 -15.93 -3.69
C LYS C 48 39.71 -16.52 -5.06
N LYS C 49 38.49 -17.06 -5.21
CA LYS C 49 38.11 -17.66 -6.47
C LYS C 49 37.60 -16.65 -7.48
N GLY C 50 37.70 -15.36 -7.18
CA GLY C 50 37.40 -14.32 -8.15
C GLY C 50 36.04 -13.68 -8.01
N GLY C 51 35.27 -14.03 -7.00
CA GLY C 51 34.01 -13.34 -6.78
C GLY C 51 34.26 -11.95 -6.24
N ASN C 52 33.32 -11.05 -6.49
CA ASN C 52 33.42 -9.70 -5.94
C ASN C 52 32.76 -9.65 -4.56
N ALA C 53 32.69 -8.44 -3.99
CA ALA C 53 32.20 -8.33 -2.61
C ALA C 53 30.75 -8.82 -2.50
N VAL C 54 29.97 -8.69 -3.58
CA VAL C 54 28.57 -9.11 -3.54
C VAL C 54 28.45 -10.64 -3.62
N ASP C 55 29.17 -11.28 -4.55
CA ASP C 55 29.26 -12.73 -4.52
C ASP C 55 29.62 -13.22 -3.13
N ALA C 56 30.62 -12.59 -2.52
CA ALA C 56 31.09 -13.04 -1.21
C ALA C 56 30.01 -12.83 -0.16
N ALA C 57 29.30 -11.71 -0.25
CA ALA C 57 28.25 -11.41 0.71
C ALA C 57 27.12 -12.41 0.63
N VAL C 58 26.75 -12.80 -0.58
CA VAL C 58 25.66 -13.75 -0.74
C VAL C 58 26.06 -15.09 -0.13
N ALA C 59 27.26 -15.57 -0.46
CA ALA C 59 27.70 -16.84 0.09
C ALA C 59 27.77 -16.78 1.61
N THR C 60 28.26 -15.66 2.14
CA THR C 60 28.39 -15.47 3.59
C THR C 60 27.02 -15.46 4.26
N ALA C 61 26.05 -14.75 3.66
CA ALA C 61 24.73 -14.69 4.26
C ALA C 61 24.05 -16.06 4.30
N PHE C 62 24.20 -16.87 3.24
CA PHE C 62 23.62 -18.19 3.29
C PHE C 62 24.36 -19.08 4.30
N THR C 63 25.69 -18.91 4.41
CA THR C 63 26.46 -19.68 5.39
C THR C 63 25.99 -19.40 6.81
N LEU C 64 25.85 -18.13 7.17
CA LEU C 64 25.40 -17.80 8.51
C LEU C 64 23.95 -18.18 8.77
N ALA C 65 23.14 -18.35 7.73
CA ALA C 65 21.81 -18.92 7.91
C ALA C 65 21.89 -20.36 8.39
N VAL C 66 23.04 -21.00 8.26
CA VAL C 66 23.29 -22.35 8.77
C VAL C 66 24.02 -22.31 10.10
N THR C 67 25.15 -21.60 10.16
CA THR C 67 26.05 -21.64 11.30
C THR C 67 25.70 -20.64 12.39
N TYR C 68 24.80 -19.67 12.11
N TYR C 68 24.85 -19.67 12.09
CA TYR C 68 24.49 -18.59 13.06
CA TYR C 68 24.49 -18.60 13.04
C TYR C 68 22.98 -18.46 13.17
C TYR C 68 22.97 -18.47 13.05
N PRO C 69 22.27 -19.56 13.38
CA PRO C 69 20.81 -19.53 13.27
C PRO C 69 20.11 -18.60 14.24
N GLU C 70 20.76 -18.16 15.33
CA GLU C 70 20.12 -17.17 16.17
C GLU C 70 19.85 -15.86 15.47
N ALA C 71 20.56 -15.59 14.36
CA ALA C 71 20.37 -14.34 13.64
C ALA C 71 20.52 -14.47 12.12
N GLY C 72 21.60 -15.10 11.66
CA GLY C 72 21.69 -15.47 10.25
C GLY C 72 20.49 -16.31 9.86
N ASN C 73 19.98 -16.10 8.64
CA ASN C 73 18.64 -16.60 8.38
C ASN C 73 18.33 -16.65 6.89
N ILE C 74 17.38 -17.51 6.56
CA ILE C 74 16.53 -17.31 5.39
C ILE C 74 15.09 -17.00 5.76
N GLY C 75 14.74 -17.06 7.04
CA GLY C 75 13.39 -16.77 7.51
C GLY C 75 13.16 -15.39 8.09
N GLY C 76 14.09 -14.46 7.91
CA GLY C 76 13.96 -13.10 8.42
C GLY C 76 14.16 -12.09 7.29
N GLY C 77 14.88 -11.02 7.62
CA GLY C 77 15.11 -9.97 6.64
C GLY C 77 16.29 -9.12 7.04
N GLY C 78 16.53 -8.07 6.26
CA GLY C 78 17.66 -7.23 6.56
C GLY C 78 17.88 -6.16 5.50
N PHE C 79 19.06 -5.56 5.59
CA PHE C 79 19.45 -4.43 4.75
C PHE C 79 20.88 -4.62 4.28
N MET C 80 21.16 -4.22 3.01
CA MET C 80 22.54 -4.30 2.54
C MET C 80 22.91 -2.93 1.99
N THR C 81 24.00 -2.35 2.49
CA THR C 81 24.58 -1.13 1.92
C THR C 81 25.77 -1.51 1.06
N LEU C 82 25.85 -0.95 -0.13
CA LEU C 82 26.88 -1.32 -1.08
C LEU C 82 27.58 -0.09 -1.62
N TYR C 83 28.80 -0.30 -2.06
CA TYR C 83 29.59 0.67 -2.81
C TYR C 83 30.23 -0.11 -3.94
N VAL C 84 29.79 0.12 -5.17
CA VAL C 84 30.27 -0.64 -6.31
C VAL C 84 30.59 0.33 -7.44
N ASP C 85 31.82 0.27 -7.94
CA ASP C 85 32.24 1.10 -9.07
C ASP C 85 31.98 2.59 -8.78
N GLY C 86 32.22 3.00 -7.54
CA GLY C 86 32.11 4.38 -7.15
C GLY C 86 30.71 4.85 -6.79
N LYS C 87 29.72 3.98 -6.88
CA LYS C 87 28.35 4.37 -6.62
C LYS C 87 27.83 3.71 -5.35
N PRO C 88 27.11 4.44 -4.50
CA PRO C 88 26.47 3.82 -3.35
C PRO C 88 25.09 3.28 -3.68
N TYR C 89 24.75 2.17 -3.03
CA TYR C 89 23.45 1.55 -3.20
C TYR C 89 22.93 1.07 -1.85
N PHE C 90 21.63 0.84 -1.79
CA PHE C 90 21.01 0.27 -0.62
C PHE C 90 19.89 -0.66 -1.01
N LEU C 91 19.91 -1.87 -0.47
CA LEU C 91 18.90 -2.88 -0.76
C LEU C 91 18.12 -3.16 0.51
N ASP C 92 16.82 -2.99 0.42
CA ASP C 92 15.90 -3.17 1.53
C ASP C 92 15.19 -4.50 1.33
N TYR C 93 15.55 -5.50 2.12
CA TYR C 93 14.84 -6.77 2.16
C TYR C 93 14.28 -7.03 3.55
N ARG C 94 13.75 -5.98 4.16
CA ARG C 94 13.01 -6.05 5.39
C ARG C 94 11.69 -6.78 5.18
N GLU C 95 11.30 -7.56 6.19
CA GLU C 95 10.03 -8.24 6.18
C GLU C 95 8.87 -7.25 6.08
N ILE C 96 7.75 -7.71 5.55
CA ILE C 96 6.53 -6.91 5.49
C ILE C 96 5.43 -7.64 6.26
N ALA C 97 4.50 -6.86 6.79
CA ALA C 97 3.38 -7.43 7.52
C ALA C 97 2.52 -8.27 6.58
N PRO C 98 1.98 -9.40 7.04
CA PRO C 98 1.07 -10.17 6.19
C PRO C 98 -0.16 -9.35 5.82
N LYS C 99 -0.75 -9.72 4.68
CA LYS C 99 -1.96 -9.04 4.23
C LYS C 99 -3.06 -9.05 5.28
N ALA C 100 -3.09 -10.08 6.14
CA ALA C 100 -4.11 -10.20 7.17
C ALA C 100 -3.73 -9.49 8.47
N ALA C 101 -2.68 -8.67 8.46
CA ALA C 101 -2.26 -7.97 9.66
C ALA C 101 -3.15 -6.76 9.92
N THR C 102 -3.41 -6.50 11.20
CA THR C 102 -4.29 -5.42 11.63
C THR C 102 -3.63 -4.62 12.74
N LYS C 103 -4.08 -3.37 12.87
CA LYS C 103 -3.51 -2.45 13.87
C LYS C 103 -3.49 -3.07 15.27
N THR C 104 -4.60 -3.68 15.68
CA THR C 104 -4.76 -4.13 17.06
C THR C 104 -4.57 -5.63 17.22
N MET C 105 -3.89 -6.28 16.27
CA MET C 105 -3.82 -7.73 16.27
C MET C 105 -3.17 -8.29 17.53
N TYR C 106 -2.36 -7.51 18.23
CA TYR C 106 -1.67 -7.96 19.44
C TYR C 106 -2.33 -7.44 20.71
N LEU C 107 -3.59 -6.98 20.63
CA LEU C 107 -4.32 -6.48 21.79
C LEU C 107 -5.53 -7.37 22.04
N ASN C 108 -5.86 -7.54 23.32
CA ASN C 108 -7.08 -8.25 23.69
C ASN C 108 -8.26 -7.29 23.64
N GLU C 109 -9.45 -7.80 23.97
CA GLU C 109 -10.65 -6.99 23.87
C GLU C 109 -10.55 -5.72 24.73
N LYS C 110 -9.78 -5.77 25.82
CA LYS C 110 -9.59 -4.63 26.70
C LYS C 110 -8.52 -3.66 26.21
N GLY C 111 -8.00 -3.85 25.00
CA GLY C 111 -6.92 -3.01 24.50
C GLY C 111 -5.58 -3.23 25.18
N GLU C 112 -5.44 -4.30 25.94
CA GLU C 112 -4.19 -4.61 26.62
C GLU C 112 -3.36 -5.54 25.74
N VAL C 113 -2.03 -5.38 25.82
CA VAL C 113 -1.14 -6.19 25.00
C VAL C 113 -1.15 -7.62 25.49
N ILE C 114 -1.30 -8.56 24.54
CA ILE C 114 -1.23 -9.99 24.86
C ILE C 114 0.23 -10.38 24.96
N GLU C 115 0.65 -10.83 26.14
CA GLU C 115 2.06 -11.11 26.40
C GLU C 115 2.64 -12.05 25.35
N ASN C 116 3.70 -11.57 24.68
CA ASN C 116 4.55 -12.34 23.77
C ASN C 116 3.90 -12.74 22.46
N LEU C 117 2.70 -12.27 22.17
CA LEU C 117 2.06 -12.65 20.90
C LEU C 117 2.81 -12.10 19.69
N SER C 118 3.51 -10.96 19.86
CA SER C 118 4.34 -10.39 18.81
C SER C 118 5.78 -10.87 18.87
N LEU C 119 6.11 -11.76 19.79
CA LEU C 119 7.49 -12.20 19.97
C LEU C 119 7.67 -13.70 19.82
N VAL C 120 6.65 -14.49 20.15
CA VAL C 120 6.73 -15.95 20.16
C VAL C 120 5.56 -16.49 19.37
N GLY C 121 5.83 -17.45 18.48
CA GLY C 121 4.79 -18.10 17.70
C GLY C 121 4.63 -17.52 16.31
N ALA C 122 3.76 -18.16 15.54
CA ALA C 122 3.68 -17.87 14.11
C ALA C 122 3.12 -16.48 13.83
N LYS C 123 2.27 -15.94 14.71
CA LYS C 123 1.71 -14.62 14.42
C LYS C 123 2.71 -13.49 14.58
N ALA C 124 3.88 -13.77 15.17
CA ALA C 124 4.91 -12.76 15.33
C ALA C 124 5.74 -12.53 14.07
N ALA C 125 5.53 -13.34 13.02
CA ALA C 125 6.41 -13.34 11.87
C ALA C 125 5.94 -12.40 10.77
N GLY C 126 6.87 -11.61 10.25
CA GLY C 126 6.68 -10.92 8.99
C GLY C 126 7.05 -11.82 7.82
N VAL C 127 6.67 -11.39 6.62
CA VAL C 127 6.97 -12.15 5.41
C VAL C 127 8.49 -12.07 5.20
N PRO C 128 9.21 -13.19 5.14
CA PRO C 128 10.67 -13.11 5.04
C PRO C 128 11.16 -12.50 3.73
N GLY C 129 12.24 -11.71 3.82
CA GLY C 129 12.80 -11.02 2.69
C GLY C 129 14.20 -11.47 2.28
N THR C 130 14.88 -12.19 3.15
CA THR C 130 16.31 -12.43 2.94
C THR C 130 16.60 -13.13 1.63
N VAL C 131 15.87 -14.20 1.30
CA VAL C 131 16.18 -14.94 0.08
C VAL C 131 16.03 -14.04 -1.14
N MET C 132 14.95 -13.24 -1.17
CA MET C 132 14.77 -12.30 -2.27
C MET C 132 15.87 -11.24 -2.30
N GLY C 133 16.26 -10.73 -1.12
CA GLY C 133 17.31 -9.73 -1.09
C GLY C 133 18.63 -10.24 -1.65
N LEU C 134 19.03 -11.43 -1.22
CA LEU C 134 20.30 -11.96 -1.69
C LEU C 134 20.28 -12.21 -3.19
N TRP C 135 19.14 -12.67 -3.69
CA TRP C 135 18.96 -12.83 -5.12
C TRP C 135 19.13 -11.51 -5.85
N GLU C 136 18.41 -10.47 -5.39
CA GLU C 136 18.41 -9.21 -6.11
C GLU C 136 19.79 -8.60 -6.11
N ALA C 137 20.49 -8.70 -4.98
CA ALA C 137 21.85 -8.16 -4.93
C ALA C 137 22.76 -8.91 -5.89
N HIS C 138 22.67 -10.23 -5.90
CA HIS C 138 23.56 -10.99 -6.79
C HIS C 138 23.23 -10.72 -8.25
N GLN C 139 21.94 -10.70 -8.58
CA GLN C 139 21.54 -10.51 -9.97
C GLN C 139 22.05 -9.17 -10.50
N ARG C 140 22.05 -8.14 -9.66
CA ARG C 140 22.47 -6.83 -10.12
C ARG C 140 23.98 -6.69 -10.19
N PHE C 141 24.74 -7.34 -9.27
CA PHE C 141 26.14 -7.04 -9.10
C PHE C 141 27.06 -8.25 -9.08
N GLY C 142 26.56 -9.46 -8.86
CA GLY C 142 27.45 -10.59 -8.69
C GLY C 142 28.12 -10.97 -9.99
N LYS C 143 29.29 -11.59 -9.87
CA LYS C 143 30.01 -12.12 -11.02
C LYS C 143 29.90 -13.63 -11.20
N LEU C 144 29.63 -14.35 -10.12
CA LEU C 144 29.73 -15.81 -10.10
C LEU C 144 28.36 -16.46 -10.22
N LYS C 145 28.37 -17.75 -10.62
CA LYS C 145 27.13 -18.50 -10.78
C LYS C 145 26.38 -18.61 -9.45
N TRP C 146 25.07 -18.36 -9.50
CA TRP C 146 24.25 -18.33 -8.28
C TRP C 146 24.41 -19.59 -7.44
N SER C 147 24.21 -20.76 -8.06
CA SER C 147 24.07 -21.97 -7.26
C SER C 147 25.33 -22.26 -6.46
N GLU C 148 26.49 -21.96 -7.02
CA GLU C 148 27.74 -22.27 -6.37
C GLU C 148 27.98 -21.38 -5.16
N LEU C 149 27.28 -20.25 -5.06
CA LEU C 149 27.35 -19.43 -3.86
C LEU C 149 26.62 -20.05 -2.69
N LEU C 150 25.80 -21.08 -2.89
CA LEU C 150 25.13 -21.77 -1.81
C LEU C 150 25.80 -23.09 -1.43
N THR C 151 26.74 -23.57 -2.24
CA THR C 151 27.45 -24.79 -1.93
C THR C 151 28.11 -24.76 -0.56
N PRO C 152 28.80 -23.68 -0.15
CA PRO C 152 29.39 -23.68 1.20
C PRO C 152 28.35 -23.86 2.29
N ALA C 153 27.25 -23.12 2.22
CA ALA C 153 26.20 -23.25 3.22
C ALA C 153 25.61 -24.64 3.22
N ILE C 154 25.43 -25.21 2.03
CA ILE C 154 24.89 -26.56 1.94
C ILE C 154 25.81 -27.53 2.65
N GLY C 155 27.11 -27.37 2.45
CA GLY C 155 28.09 -28.22 3.11
C GLY C 155 28.02 -28.14 4.62
N TYR C 156 27.90 -26.92 5.17
CA TYR C 156 27.81 -26.79 6.62
C TYR C 156 26.52 -27.38 7.15
N ALA C 157 25.44 -27.35 6.37
CA ALA C 157 24.18 -27.95 6.81
C ALA C 157 24.27 -29.47 6.75
N GLN C 158 24.93 -30.01 5.71
CA GLN C 158 25.03 -31.46 5.55
C GLN C 158 26.00 -32.08 6.55
N THR C 159 27.23 -31.58 6.61
CA THR C 159 28.28 -32.18 7.43
C THR C 159 28.53 -31.44 8.74
N GLY C 160 27.95 -30.26 8.93
CA GLY C 160 27.83 -29.65 10.23
C GLY C 160 28.87 -28.57 10.51
N PHE C 161 28.62 -27.86 11.61
CA PHE C 161 29.56 -26.91 12.18
C PHE C 161 29.55 -27.11 13.70
N LYS C 162 30.59 -26.59 14.36
CA LYS C 162 30.73 -26.74 15.81
C LYS C 162 30.04 -25.58 16.53
N VAL C 163 29.12 -25.91 17.42
CA VAL C 163 28.31 -24.91 18.12
C VAL C 163 29.18 -24.15 19.12
N ALA C 164 28.95 -22.85 19.22
CA ALA C 164 29.75 -22.00 20.10
C ALA C 164 29.18 -21.94 21.52
N ASP C 165 30.06 -21.58 22.47
CA ASP C 165 29.64 -21.44 23.87
C ASP C 165 28.49 -20.45 24.02
N GLN C 166 28.67 -19.22 23.54
CA GLN C 166 27.63 -18.20 23.68
C GLN C 166 26.38 -18.59 22.93
N GLN C 167 26.55 -19.27 21.79
CA GLN C 167 25.42 -19.74 21.00
C GLN C 167 24.56 -20.72 21.80
N TYR C 168 25.20 -21.67 22.48
CA TYR C 168 24.45 -22.57 23.35
C TYR C 168 23.69 -21.79 24.42
N GLN C 169 24.35 -20.82 25.05
CA GLN C 169 23.66 -20.06 26.09
C GLN C 169 22.45 -19.32 25.52
N TYR C 170 22.61 -18.73 24.33
CA TYR C 170 21.45 -18.06 23.72
C TYR C 170 20.34 -19.05 23.43
N ARG C 171 20.70 -20.28 23.03
CA ARG C 171 19.71 -21.33 22.82
C ARG C 171 19.00 -21.65 24.12
N GLN C 172 19.74 -21.73 25.23
CA GLN C 172 19.12 -21.99 26.52
C GLN C 172 18.21 -20.86 26.93
N ASP C 173 18.66 -19.61 26.74
CA ASP C 173 17.79 -18.48 27.04
C ASP C 173 16.54 -18.50 26.20
N ALA C 174 16.67 -18.81 24.90
CA ALA C 174 15.52 -18.75 24.01
C ALA C 174 14.53 -19.87 24.28
N ILE C 175 15.02 -21.10 24.47
CA ILE C 175 14.14 -22.24 24.72
C ILE C 175 13.29 -21.97 25.95
N ALA C 176 13.87 -21.32 26.96
CA ALA C 176 13.11 -20.93 28.14
C ALA C 176 12.02 -19.94 27.79
N LEU C 177 12.35 -18.90 27.01
CA LEU C 177 11.36 -17.91 26.63
C LEU C 177 10.23 -18.53 25.81
N PHE C 178 10.57 -19.45 24.90
CA PHE C 178 9.54 -20.07 24.06
C PHE C 178 8.59 -20.93 24.88
N ASN C 179 9.07 -21.50 25.98
CA ASN C 179 8.20 -22.14 26.98
C ASN C 179 7.35 -23.24 26.37
N GLY C 180 7.96 -24.02 25.48
CA GLY C 180 7.26 -25.15 24.87
C GLY C 180 6.17 -24.81 23.90
N LYS C 181 6.02 -23.55 23.50
CA LYS C 181 4.91 -23.11 22.69
C LYS C 181 5.20 -23.18 21.19
N THR C 182 6.39 -23.61 20.80
CA THR C 182 6.77 -23.78 19.40
C THR C 182 7.43 -25.14 19.23
N ASN C 183 7.85 -25.43 18.00
CA ASN C 183 8.63 -26.62 17.70
C ASN C 183 10.14 -26.37 17.70
N PHE C 184 10.58 -25.28 18.34
CA PHE C 184 11.99 -24.92 18.33
C PHE C 184 12.87 -26.10 18.72
N GLY C 185 12.48 -26.84 19.77
CA GLY C 185 13.33 -27.93 20.25
C GLY C 185 13.43 -29.10 19.30
N ASP C 186 12.48 -29.25 18.37
CA ASP C 186 12.56 -30.33 17.40
C ASP C 186 13.78 -30.21 16.50
N TYR C 187 14.25 -28.97 16.26
CA TYR C 187 15.34 -28.72 15.32
C TYR C 187 16.61 -28.18 15.96
N PHE C 188 16.51 -27.46 17.07
CA PHE C 188 17.66 -26.83 17.68
C PHE C 188 17.91 -27.27 19.12
N GLY C 189 17.18 -28.28 19.60
CA GLY C 189 17.42 -28.78 20.94
C GLY C 189 18.71 -29.56 21.09
N THR C 190 19.22 -30.16 20.01
CA THR C 190 20.41 -30.99 20.09
C THR C 190 21.71 -30.20 20.01
N MET C 191 21.64 -28.88 19.86
CA MET C 191 22.86 -28.07 19.82
C MET C 191 23.61 -28.22 21.13
N LYS C 192 24.89 -28.55 21.04
CA LYS C 192 25.75 -28.72 22.22
C LYS C 192 27.09 -28.02 21.99
N PRO C 193 27.55 -27.23 22.94
CA PRO C 193 28.78 -26.44 22.70
C PRO C 193 29.98 -27.33 22.37
N GLY C 194 30.73 -26.94 21.35
CA GLY C 194 31.89 -27.67 20.93
C GLY C 194 31.61 -28.90 20.06
N GLU C 195 30.35 -29.26 19.87
CA GLU C 195 29.97 -30.46 19.14
C GLU C 195 29.34 -30.10 17.81
N VAL C 196 29.47 -31.02 16.84
CA VAL C 196 29.05 -30.77 15.47
C VAL C 196 27.53 -30.86 15.36
N PHE C 197 26.92 -29.89 14.70
CA PHE C 197 25.48 -29.77 14.58
C PHE C 197 25.14 -29.79 13.10
N LYS C 198 24.34 -30.77 12.70
CA LYS C 198 23.92 -30.92 11.31
C LYS C 198 22.46 -30.56 11.16
N GLN C 199 22.09 -30.13 9.95
CA GLN C 199 20.76 -29.61 9.66
C GLN C 199 20.29 -30.15 8.31
N PRO C 200 19.88 -31.42 8.28
CA PRO C 200 19.64 -32.06 6.98
C PRO C 200 18.48 -31.47 6.18
N GLU C 201 17.38 -31.08 6.84
CA GLU C 201 16.29 -30.50 6.07
C GLU C 201 16.69 -29.13 5.53
N LEU C 202 17.38 -28.33 6.33
CA LEU C 202 17.85 -27.04 5.82
C LEU C 202 18.76 -27.22 4.62
N ALA C 203 19.59 -28.26 4.64
CA ALA C 203 20.46 -28.54 3.49
C ALA C 203 19.65 -28.71 2.22
N LYS C 204 18.54 -29.45 2.30
CA LYS C 204 17.69 -29.65 1.12
C LYS C 204 17.01 -28.36 0.69
N THR C 205 16.53 -27.56 1.65
CA THR C 205 15.97 -26.26 1.34
C THR C 205 16.97 -25.39 0.57
N LEU C 206 18.21 -25.31 1.06
CA LEU C 206 19.22 -24.51 0.37
C LEU C 206 19.54 -25.09 -1.02
N GLU C 207 19.52 -26.42 -1.15
CA GLU C 207 19.71 -27.03 -2.47
C GLU C 207 18.60 -26.60 -3.43
N ARG C 208 17.37 -26.47 -2.95
CA ARG C 208 16.28 -26.05 -3.83
C ARG C 208 16.43 -24.58 -4.20
N ILE C 209 16.82 -23.74 -3.25
CA ILE C 209 17.07 -22.34 -3.57
C ILE C 209 18.23 -22.23 -4.56
N ALA C 210 19.24 -23.07 -4.40
CA ALA C 210 20.36 -23.06 -5.33
C ALA C 210 19.89 -23.45 -6.73
N ASP C 211 18.98 -24.41 -6.81
CA ASP C 211 18.57 -24.96 -8.10
C ASP C 211 17.52 -24.07 -8.75
N LYS C 212 16.58 -23.56 -7.95
CA LYS C 212 15.41 -22.87 -8.48
C LYS C 212 15.47 -21.36 -8.30
N GLY C 213 16.36 -20.86 -7.46
CA GLY C 213 16.36 -19.46 -7.12
C GLY C 213 15.29 -19.14 -6.10
N PRO C 214 14.99 -17.85 -5.92
CA PRO C 214 13.98 -17.47 -4.92
C PRO C 214 12.61 -18.06 -5.19
N ASP C 215 12.34 -18.54 -6.41
CA ASP C 215 11.03 -19.13 -6.69
C ASP C 215 10.73 -20.27 -5.71
N ASP C 216 11.75 -21.05 -5.34
CA ASP C 216 11.50 -22.12 -4.37
C ASP C 216 10.89 -21.56 -3.10
N PHE C 217 11.46 -20.46 -2.60
CA PHE C 217 11.05 -19.93 -1.31
C PHE C 217 9.68 -19.25 -1.38
N TYR C 218 9.39 -18.57 -2.49
CA TYR C 218 8.23 -17.70 -2.55
C TYR C 218 7.08 -18.31 -3.36
N LYS C 219 7.38 -19.29 -4.20
CA LYS C 219 6.38 -19.91 -5.06
C LYS C 219 6.38 -21.44 -5.05
N GLY C 220 7.44 -22.07 -4.59
CA GLY C 220 7.64 -23.49 -4.80
C GLY C 220 7.50 -24.38 -3.59
N GLU C 221 8.37 -25.37 -3.48
CA GLU C 221 8.20 -26.38 -2.43
C GLU C 221 8.39 -25.77 -1.06
N THR C 222 9.40 -24.92 -0.90
CA THR C 222 9.61 -24.28 0.40
C THR C 222 8.45 -23.37 0.76
N ALA C 223 7.95 -22.60 -0.22
CA ALA C 223 6.79 -21.74 0.05
C ALA C 223 5.60 -22.56 0.55
N LYS C 224 5.38 -23.73 -0.04
CA LYS C 224 4.27 -24.58 0.38
C LYS C 224 4.48 -25.06 1.82
N LEU C 225 5.71 -25.42 2.17
CA LEU C 225 5.97 -25.88 3.53
C LEU C 225 5.76 -24.75 4.54
N LEU C 226 6.12 -23.53 4.17
CA LEU C 226 5.93 -22.39 5.06
C LEU C 226 4.44 -22.15 5.31
N ILE C 227 3.63 -22.22 4.27
CA ILE C 227 2.19 -22.03 4.44
C ILE C 227 1.62 -23.13 5.31
N ALA C 228 2.02 -24.38 5.06
CA ALA C 228 1.57 -25.48 5.89
C ALA C 228 1.89 -25.21 7.36
N GLN C 229 3.05 -24.61 7.64
CA GLN C 229 3.38 -24.28 9.02
C GLN C 229 2.48 -23.18 9.55
N MET C 230 2.13 -22.22 8.70
CA MET C 230 1.21 -21.17 9.12
C MET C 230 -0.17 -21.75 9.48
N LYS C 231 -0.61 -22.76 8.73
CA LYS C 231 -1.92 -23.34 9.01
C LYS C 231 -1.88 -24.18 10.28
N GLN C 232 -0.82 -24.95 10.48
CA GLN C 232 -0.73 -25.74 11.71
C GLN C 232 -0.67 -24.85 12.93
N ASP C 233 0.02 -23.71 12.85
CA ASP C 233 0.32 -22.89 14.01
C ASP C 233 -0.55 -21.66 14.13
N GLY C 234 -1.54 -21.49 13.25
CA GLY C 234 -2.39 -20.33 13.30
C GLY C 234 -1.75 -19.06 12.76
N GLY C 235 -0.76 -19.18 11.89
CA GLY C 235 -0.11 -18.02 11.33
C GLY C 235 -0.93 -17.34 10.27
N LEU C 236 -0.47 -16.15 9.90
CA LEU C 236 -1.19 -15.30 8.96
C LEU C 236 -0.63 -15.34 7.55
N ILE C 237 0.62 -15.74 7.37
CA ILE C 237 1.25 -15.63 6.06
C ILE C 237 0.60 -16.62 5.10
N THR C 238 0.22 -16.12 3.93
CA THR C 238 -0.44 -16.90 2.89
C THR C 238 0.46 -17.00 1.66
N SER C 239 0.02 -17.82 0.71
CA SER C 239 0.74 -17.90 -0.56
C SER C 239 0.77 -16.52 -1.24
N ASP C 240 -0.32 -15.76 -1.13
CA ASP C 240 -0.37 -14.44 -1.74
C ASP C 240 0.67 -13.51 -1.10
N ASP C 241 0.85 -13.60 0.22
CA ASP C 241 1.89 -12.85 0.89
C ASP C 241 3.26 -13.12 0.26
N LEU C 242 3.58 -14.39 0.09
CA LEU C 242 4.89 -14.75 -0.46
C LEU C 242 5.03 -14.30 -1.91
N VAL C 243 4.00 -14.54 -2.73
CA VAL C 243 4.11 -14.19 -4.14
C VAL C 243 4.35 -12.69 -4.33
N ASP C 244 3.80 -11.88 -3.44
CA ASP C 244 3.87 -10.43 -3.59
C ASP C 244 5.10 -9.80 -2.95
N TYR C 245 5.93 -10.58 -2.26
CA TYR C 245 7.08 -9.96 -1.61
C TYR C 245 8.06 -9.42 -2.64
N GLN C 246 8.54 -8.20 -2.40
CA GLN C 246 9.60 -7.60 -3.21
C GLN C 246 10.62 -6.93 -2.31
N ALA C 247 11.90 -7.15 -2.61
CA ALA C 247 12.94 -6.30 -2.05
C ALA C 247 12.98 -5.00 -2.85
N LYS C 248 13.48 -3.94 -2.22
CA LYS C 248 13.45 -2.62 -2.83
C LYS C 248 14.83 -1.98 -2.79
N TRP C 249 15.28 -1.50 -3.94
CA TRP C 249 16.45 -0.65 -4.00
C TRP C 249 16.07 0.77 -3.59
N ARG C 250 16.87 1.37 -2.70
CA ARG C 250 16.63 2.72 -2.23
C ARG C 250 17.92 3.53 -2.29
N GLU C 251 17.76 4.85 -2.28
CA GLU C 251 18.90 5.73 -2.18
C GLU C 251 19.43 5.66 -0.75
N PRO C 252 20.69 5.33 -0.53
CA PRO C 252 21.22 5.32 0.84
C PRO C 252 21.21 6.72 1.45
N MET C 253 21.10 6.76 2.77
CA MET C 253 21.31 8.01 3.48
C MET C 253 22.77 8.42 3.34
N ARG C 254 22.98 9.71 3.08
CA ARG C 254 24.34 10.24 2.96
C ARG C 254 24.58 11.31 4.02
N ILE C 255 25.69 11.19 4.74
CA ILE C 255 26.06 12.10 5.82
C ILE C 255 27.53 12.48 5.64
N ASP C 256 27.79 13.78 5.47
CA ASP C 256 29.14 14.29 5.28
C ASP C 256 29.59 14.95 6.57
N TRP C 257 30.83 14.67 6.99
CA TRP C 257 31.42 15.42 8.08
C TRP C 257 32.93 15.34 7.94
N GLN C 258 33.60 16.48 8.17
CA GLN C 258 35.07 16.53 8.23
C GLN C 258 35.71 15.85 7.01
N GLY C 259 35.10 16.03 5.85
CA GLY C 259 35.67 15.50 4.63
C GLY C 259 35.40 14.04 4.39
N ASN C 260 34.66 13.38 5.27
CA ASN C 260 34.22 12.01 5.09
C ASN C 260 32.76 11.98 4.65
N THR C 261 32.39 10.88 4.00
CA THR C 261 31.00 10.67 3.60
C THR C 261 30.57 9.30 4.12
N LEU C 262 29.56 9.29 4.97
CA LEU C 262 28.97 8.07 5.50
C LEU C 262 27.73 7.73 4.68
N TYR C 263 27.71 6.53 4.12
CA TYR C 263 26.54 5.99 3.45
C TYR C 263 25.93 4.93 4.37
N THR C 264 24.63 5.05 4.65
CA THR C 264 24.01 4.17 5.65
C THR C 264 22.52 4.00 5.32
N ALA C 265 21.78 3.37 6.25
CA ALA C 265 20.45 2.89 5.95
C ALA C 265 19.41 4.00 6.03
N PRO C 266 18.66 4.25 4.97
CA PRO C 266 17.52 5.18 5.05
C PRO C 266 16.29 4.45 5.56
N LEU C 267 15.17 5.18 5.67
CA LEU C 267 13.93 4.51 6.04
C LEU C 267 13.69 3.32 5.13
N PRO C 268 13.16 2.20 5.64
CA PRO C 268 12.55 2.04 6.96
C PRO C 268 13.50 1.78 8.14
N SER C 269 14.80 2.03 7.96
CA SER C 269 15.67 2.11 9.14
C SER C 269 15.59 3.51 9.70
N SER C 270 15.62 3.62 11.02
CA SER C 270 15.76 4.89 11.70
C SER C 270 17.21 5.30 11.89
N GLY C 271 18.16 4.42 11.54
CA GLY C 271 19.55 4.68 11.86
C GLY C 271 20.19 5.75 11.01
N GLY C 272 19.78 5.87 9.75
CA GLY C 272 20.32 6.93 8.91
C GLY C 272 19.98 8.32 9.42
N ILE C 273 18.71 8.55 9.70
CA ILE C 273 18.30 9.84 10.25
C ILE C 273 18.92 10.05 11.61
N ALA C 274 18.95 9.00 12.45
CA ALA C 274 19.59 9.10 13.76
C ALA C 274 21.05 9.50 13.65
N LEU C 275 21.79 8.83 12.77
CA LEU C 275 23.20 9.15 12.62
C LEU C 275 23.41 10.54 12.05
N ALA C 276 22.58 10.97 11.11
CA ALA C 276 22.68 12.34 10.62
C ALA C 276 22.54 13.34 11.77
N GLN C 277 21.60 13.10 12.68
CA GLN C 277 21.41 14.00 13.82
C GLN C 277 22.51 13.82 14.87
N LEU C 278 22.91 12.58 15.15
CA LEU C 278 23.94 12.37 16.17
C LEU C 278 25.24 13.03 15.76
N ILE C 279 25.68 12.81 14.52
CA ILE C 279 26.93 13.39 14.06
C ILE C 279 26.79 14.89 13.90
N GLY C 280 25.67 15.33 13.33
CA GLY C 280 25.47 16.77 13.10
C GLY C 280 25.40 17.56 14.39
N ILE C 281 24.65 17.06 15.36
CA ILE C 281 24.55 17.74 16.65
C ILE C 281 25.88 17.68 17.38
N LYS C 282 26.57 16.52 17.36
CA LYS C 282 27.84 16.43 18.04
C LYS C 282 28.83 17.47 17.51
N GLU C 283 28.84 17.68 16.19
CA GLU C 283 29.75 18.67 15.64
C GLU C 283 29.35 20.09 16.05
N GLN C 284 28.05 20.37 16.08
CA GLN C 284 27.63 21.71 16.52
C GLN C 284 28.02 21.97 17.97
N ARG C 285 28.10 20.93 18.79
CA ARG C 285 28.50 21.06 20.18
C ARG C 285 29.97 20.73 20.40
N ALA C 286 30.81 20.97 19.39
CA ALA C 286 32.22 20.62 19.51
C ALA C 286 32.88 21.30 20.70
N ALA C 287 32.44 22.51 21.05
CA ALA C 287 33.06 23.21 22.16
C ALA C 287 32.86 22.46 23.47
N ASP C 288 31.71 21.81 23.63
CA ASP C 288 31.45 21.08 24.87
C ASP C 288 32.25 19.79 24.93
N PHE C 289 32.60 19.21 23.78
CA PHE C 289 33.38 17.99 23.75
C PHE C 289 34.88 18.24 23.83
N LYS C 290 35.33 19.48 23.64
CA LYS C 290 36.77 19.74 23.64
C LYS C 290 37.36 19.41 25.02
N GLY C 291 38.46 18.66 25.01
CA GLY C 291 39.14 18.30 26.25
C GLY C 291 38.43 17.25 27.09
N VAL C 292 37.33 16.69 26.61
CA VAL C 292 36.55 15.73 27.37
C VAL C 292 37.01 14.33 27.01
N GLU C 293 37.41 13.56 28.02
CA GLU C 293 37.93 12.22 27.79
C GLU C 293 36.82 11.27 27.37
N LEU C 294 37.19 10.30 26.53
CA LEU C 294 36.24 9.28 26.12
C LEU C 294 35.68 8.52 27.32
N ASN C 295 34.35 8.43 27.37
CA ASN C 295 33.63 7.67 28.38
C ASN C 295 33.81 8.22 29.78
N SER C 296 34.22 9.47 29.88
CA SER C 296 34.03 10.21 31.13
C SER C 296 32.54 10.46 31.34
N ALA C 297 32.19 10.89 32.55
CA ALA C 297 30.79 11.20 32.82
C ALA C 297 30.29 12.33 31.91
N LYS C 298 31.12 13.36 31.71
CA LYS C 298 30.71 14.47 30.83
C LYS C 298 30.45 13.96 29.41
N TYR C 299 31.31 13.10 28.90
CA TYR C 299 31.14 12.56 27.55
C TYR C 299 29.81 11.81 27.44
N ILE C 300 29.54 10.95 28.42
CA ILE C 300 28.36 10.09 28.36
C ILE C 300 27.09 10.91 28.55
N HIS C 301 27.15 11.90 29.44
CA HIS C 301 26.00 12.79 29.60
C HIS C 301 25.71 13.56 28.31
N LEU C 302 26.76 14.04 27.65
CA LEU C 302 26.57 14.76 26.39
C LEU C 302 25.95 13.86 25.33
N LEU C 303 26.46 12.63 25.19
CA LEU C 303 25.84 11.71 24.23
C LEU C 303 24.37 11.48 24.57
N SER C 304 24.06 11.31 25.85
CA SER C 304 22.69 11.06 26.27
C SER C 304 21.79 12.24 25.94
N GLU C 305 22.29 13.46 26.11
CA GLU C 305 21.52 14.65 25.78
C GLU C 305 21.17 14.70 24.29
N ILE C 306 22.11 14.32 23.43
CA ILE C 306 21.82 14.26 22.00
C ILE C 306 20.83 13.15 21.71
N GLU C 307 21.04 11.98 22.32
CA GLU C 307 20.18 10.83 22.08
C GLU C 307 18.74 11.10 22.52
N LYS C 308 18.54 11.90 23.56
CA LYS C 308 17.18 12.29 23.94
C LYS C 308 16.41 12.83 22.75
N ARG C 309 17.02 13.76 22.01
CA ARG C 309 16.31 14.41 20.91
C ARG C 309 16.14 13.46 19.73
N VAL C 310 17.16 12.65 19.46
CA VAL C 310 17.07 11.67 18.38
C VAL C 310 15.87 10.75 18.59
N PHE C 311 15.72 10.22 19.80
CA PHE C 311 14.65 9.27 20.05
C PHE C 311 13.29 9.93 20.15
N ALA C 312 13.24 11.21 20.52
CA ALA C 312 11.97 11.94 20.47
C ALA C 312 11.45 11.97 19.03
N ASP C 313 12.34 12.31 18.07
CA ASP C 313 11.93 12.33 16.67
C ASP C 313 11.64 10.92 16.16
N ARG C 314 12.50 9.96 16.51
CA ARG C 314 12.29 8.58 16.06
C ARG C 314 10.88 8.11 16.36
N ALA C 315 10.40 8.34 17.58
CA ALA C 315 9.12 7.79 18.00
C ALA C 315 7.95 8.48 17.32
N ASP C 316 8.08 9.76 16.99
CA ASP C 316 6.95 10.52 16.48
C ASP C 316 6.76 10.42 14.97
N TYR C 317 7.83 10.31 14.19
CA TYR C 317 7.77 10.55 12.76
C TYR C 317 8.08 9.35 11.87
N LEU C 318 8.80 8.34 12.35
CA LEU C 318 9.48 7.44 11.43
C LEU C 318 8.75 6.11 11.25
N GLY C 319 8.70 5.67 10.00
CA GLY C 319 8.09 4.42 9.65
C GLY C 319 8.32 4.09 8.19
N ASP C 320 7.68 3.02 7.72
CA ASP C 320 7.77 2.66 6.31
C ASP C 320 7.52 3.91 5.46
N PRO C 321 8.47 4.32 4.62
CA PRO C 321 8.31 5.60 3.90
C PRO C 321 7.27 5.56 2.79
N GLN C 322 6.71 4.40 2.47
CA GLN C 322 5.65 4.27 1.48
C GLN C 322 4.27 4.13 2.13
N PHE C 323 4.16 4.35 3.44
CA PHE C 323 2.88 4.29 4.12
C PHE C 323 2.52 5.61 4.81
N SER C 324 3.40 6.59 4.75
CA SER C 324 3.15 7.92 5.29
C SER C 324 4.19 8.82 4.64
N LYS C 325 3.94 10.13 4.71
CA LYS C 325 4.85 11.12 4.14
C LYS C 325 5.78 11.57 5.25
N VAL C 326 6.90 10.90 5.40
CA VAL C 326 7.82 11.18 6.52
C VAL C 326 8.66 12.40 6.17
N PRO C 327 8.82 13.36 7.08
CA PRO C 327 9.54 14.61 6.77
C PRO C 327 11.06 14.48 6.93
N VAL C 328 11.65 13.58 6.14
CA VAL C 328 13.07 13.30 6.27
C VAL C 328 13.89 14.55 6.04
N ALA C 329 13.55 15.33 5.01
CA ALA C 329 14.33 16.52 4.70
C ALA C 329 14.37 17.48 5.89
N GLN C 330 13.21 17.74 6.49
CA GLN C 330 13.18 18.67 7.61
C GLN C 330 13.92 18.13 8.83
N LEU C 331 13.89 16.81 9.04
CA LEU C 331 14.57 16.22 10.18
C LEU C 331 16.08 16.16 10.03
N THR C 332 16.61 16.42 8.83
CA THR C 332 18.03 16.38 8.60
C THR C 332 18.59 17.69 8.07
N ASP C 333 17.77 18.73 7.96
CA ASP C 333 18.27 20.01 7.46
C ASP C 333 19.26 20.60 8.45
N PRO C 334 20.40 21.12 7.97
CA PRO C 334 21.39 21.65 8.91
C PRO C 334 20.84 22.73 9.84
N LYS C 335 19.85 23.49 9.39
CA LYS C 335 19.25 24.47 10.29
C LYS C 335 18.50 23.79 11.43
N TYR C 336 17.80 22.69 11.11
CA TYR C 336 17.13 21.92 12.14
C TYR C 336 18.13 21.29 13.10
N ILE C 337 19.24 20.78 12.55
CA ILE C 337 20.28 20.19 13.38
C ILE C 337 20.86 21.21 14.35
N ALA C 338 21.04 22.46 13.88
CA ALA C 338 21.54 23.50 14.78
C ALA C 338 20.53 23.83 15.87
N LYS C 339 19.25 23.89 15.51
CA LYS C 339 18.22 24.14 16.51
C LYS C 339 18.21 23.05 17.58
N ARG C 340 18.22 21.78 17.15
CA ARG C 340 18.21 20.69 18.12
C ARG C 340 19.49 20.68 18.94
N ALA C 341 20.63 21.02 18.33
CA ALA C 341 21.88 21.06 19.08
C ALA C 341 21.78 22.08 20.21
N GLY C 342 21.07 23.18 19.98
CA GLY C 342 20.94 24.20 21.02
C GLY C 342 20.27 23.68 22.27
N GLU C 343 19.37 22.70 22.13
CA GLU C 343 18.66 22.14 23.28
C GLU C 343 19.58 21.37 24.22
N VAL C 344 20.76 20.95 23.75
CA VAL C 344 21.63 20.12 24.58
C VAL C 344 22.10 20.91 25.79
N ASN C 345 21.89 20.34 26.98
CA ASN C 345 22.33 20.95 28.21
C ASN C 345 23.62 20.29 28.67
N PRO C 346 24.78 20.95 28.55
CA PRO C 346 26.04 20.28 28.88
C PRO C 346 26.27 20.06 30.35
N ASP C 347 25.46 20.65 31.23
CA ASP C 347 25.72 20.65 32.67
C ASP C 347 24.69 19.90 33.51
N ALA C 348 23.53 19.55 32.95
CA ALA C 348 22.53 18.84 33.71
C ALA C 348 21.60 18.12 32.76
N ILE C 349 20.85 17.16 33.31
CA ILE C 349 19.88 16.39 32.53
C ILE C 349 18.71 17.28 32.13
N SER C 350 18.41 17.31 30.84
CA SER C 350 17.22 18.00 30.38
C SER C 350 15.97 17.28 30.88
N ALA C 351 14.93 18.06 31.18
CA ALA C 351 13.68 17.47 31.64
C ALA C 351 13.07 16.61 30.54
N THR C 352 12.87 15.32 30.85
CA THR C 352 12.42 14.37 29.84
C THR C 352 11.06 14.76 29.27
N GLU C 353 10.18 15.31 30.10
CA GLU C 353 8.86 15.70 29.61
C GLU C 353 8.93 16.83 28.60
N LYS C 354 9.98 17.64 28.63
CA LYS C 354 10.09 18.80 27.76
C LYS C 354 10.91 18.54 26.50
N VAL C 355 11.37 17.32 26.29
CA VAL C 355 12.04 16.96 25.04
C VAL C 355 10.93 16.58 24.06
N ARG C 356 10.76 17.40 23.03
CA ARG C 356 9.64 17.25 22.13
C ARG C 356 10.11 16.85 20.73
N PRO C 357 9.25 16.20 19.94
CA PRO C 357 9.53 16.05 18.51
C PRO C 357 9.81 17.43 17.91
N GLY C 358 10.94 17.56 17.22
CA GLY C 358 11.46 18.87 16.89
C GLY C 358 10.65 19.65 15.87
N LEU C 359 9.73 19.00 15.17
CA LEU C 359 8.88 19.67 14.20
C LEU C 359 7.51 19.99 14.78
N GLU C 360 7.32 19.77 16.08
CA GLU C 360 6.02 19.95 16.69
C GLU C 360 5.69 21.44 16.77
N PRO C 361 4.49 21.86 16.32
CA PRO C 361 4.16 23.29 16.28
C PRO C 361 4.25 23.98 17.64
N THR D 1 20.10 -10.49 15.70
CA THR D 1 20.69 -9.71 14.57
C THR D 1 22.16 -10.03 14.45
N THR D 2 22.70 -9.91 13.24
CA THR D 2 24.15 -10.03 13.04
C THR D 2 24.56 -9.15 11.88
N HIS D 3 25.85 -8.87 11.80
CA HIS D 3 26.38 -8.02 10.75
C HIS D 3 27.65 -8.60 10.19
N PHE D 4 27.88 -8.36 8.90
CA PHE D 4 29.19 -8.64 8.31
C PHE D 4 29.57 -7.56 7.29
N SER D 5 30.87 -7.39 7.12
CA SER D 5 31.47 -6.35 6.29
C SER D 5 32.47 -7.00 5.35
N ILE D 6 32.46 -6.58 4.08
CA ILE D 6 33.35 -7.16 3.06
C ILE D 6 33.84 -6.04 2.14
N VAL D 7 35.11 -6.08 1.80
CA VAL D 7 35.70 -5.24 0.78
C VAL D 7 36.45 -6.16 -0.18
N ASP D 8 36.31 -5.93 -1.47
CA ASP D 8 37.08 -6.73 -2.43
C ASP D 8 38.26 -5.92 -2.95
N LYS D 9 39.15 -6.62 -3.66
CA LYS D 9 40.39 -6.00 -4.13
C LYS D 9 40.17 -4.86 -5.11
N ASP D 10 38.98 -4.72 -5.67
CA ASP D 10 38.64 -3.64 -6.58
C ASP D 10 38.14 -2.40 -5.85
N GLY D 11 38.13 -2.42 -4.53
CA GLY D 11 37.62 -1.29 -3.76
C GLY D 11 36.13 -1.26 -3.59
N ASN D 12 35.42 -2.31 -4.01
CA ASN D 12 33.98 -2.41 -3.79
C ASN D 12 33.70 -3.01 -2.43
N ALA D 13 32.51 -2.70 -1.89
CA ALA D 13 32.24 -3.04 -0.50
C ALA D 13 30.77 -3.34 -0.26
N VAL D 14 30.54 -4.26 0.66
CA VAL D 14 29.22 -4.62 1.14
C VAL D 14 29.21 -4.55 2.66
N SER D 15 28.18 -3.93 3.20
CA SER D 15 27.91 -3.91 4.63
C SER D 15 26.50 -4.43 4.82
N ASN D 16 26.35 -5.60 5.47
CA ASN D 16 25.07 -6.30 5.51
C ASN D 16 24.67 -6.63 6.93
N THR D 17 23.53 -6.08 7.39
CA THR D 17 22.95 -6.46 8.67
C THR D 17 21.63 -7.19 8.39
N TYR D 18 21.44 -8.36 9.01
N TYR D 18 21.44 -8.36 8.98
CA TYR D 18 20.17 -9.04 8.84
CA TYR D 18 20.16 -9.04 8.84
C TYR D 18 19.87 -9.82 10.12
C TYR D 18 19.86 -9.82 10.11
N THR D 19 18.63 -10.30 10.22
CA THR D 19 18.13 -10.67 11.52
C THR D 19 16.86 -11.50 11.43
N LEU D 20 16.57 -12.19 12.55
CA LEU D 20 15.25 -12.71 12.87
C LEU D 20 14.53 -11.80 13.86
N ASN D 21 15.17 -10.70 14.28
CA ASN D 21 14.82 -9.84 15.41
C ASN D 21 15.46 -10.44 16.66
N TRP D 22 14.67 -11.03 17.55
CA TRP D 22 15.30 -11.62 18.74
C TRP D 22 15.99 -12.93 18.39
N ASP D 23 16.77 -13.43 19.34
CA ASP D 23 17.55 -14.64 19.12
C ASP D 23 16.63 -15.79 18.71
N PHE D 24 16.91 -16.39 17.57
CA PHE D 24 16.09 -17.45 17.00
C PHE D 24 14.65 -17.01 16.71
N GLY D 25 14.43 -15.70 16.62
CA GLY D 25 13.16 -15.18 16.12
C GLY D 25 11.95 -15.65 16.93
N SER D 26 10.91 -16.06 16.21
CA SER D 26 9.66 -16.51 16.81
C SER D 26 9.76 -17.87 17.47
N GLY D 27 10.84 -18.60 17.26
CA GLY D 27 10.95 -19.97 17.70
C GLY D 27 10.26 -20.98 16.82
N VAL D 28 9.51 -20.55 15.82
CA VAL D 28 8.80 -21.43 14.89
C VAL D 28 9.74 -21.86 13.77
N VAL D 29 9.89 -23.16 13.59
CA VAL D 29 10.64 -23.73 12.47
C VAL D 29 9.64 -24.24 11.44
N VAL D 30 9.94 -24.02 10.17
CA VAL D 30 9.11 -24.54 9.09
C VAL D 30 9.38 -26.05 8.95
N LYS D 31 8.39 -26.85 9.34
CA LYS D 31 8.56 -28.30 9.29
C LYS D 31 8.85 -28.74 7.86
N GLY D 32 9.80 -29.65 7.71
CA GLY D 32 10.23 -30.13 6.43
C GLY D 32 11.26 -29.28 5.73
N ALA D 33 11.46 -28.04 6.19
CA ALA D 33 12.39 -27.10 5.58
C ALA D 33 13.52 -26.71 6.50
N GLY D 34 13.30 -26.65 7.81
CA GLY D 34 14.40 -26.53 8.75
C GLY D 34 14.83 -25.14 9.16
N PHE D 35 14.20 -24.07 8.66
CA PHE D 35 14.62 -22.72 9.00
C PHE D 35 13.63 -22.04 9.92
N LEU D 36 14.15 -21.17 10.79
CA LEU D 36 13.35 -20.42 11.73
C LEU D 36 12.67 -19.22 11.09
N LEU D 37 11.46 -18.92 11.56
CA LEU D 37 10.77 -17.69 11.18
C LEU D 37 11.04 -16.58 12.17
N ASN D 38 11.16 -15.36 11.65
CA ASN D 38 11.43 -14.17 12.44
C ASN D 38 10.27 -13.86 13.40
N ASP D 39 10.55 -13.03 14.40
CA ASP D 39 9.50 -12.38 15.18
C ASP D 39 9.63 -10.87 14.97
N GLU D 40 9.71 -10.46 13.72
CA GLU D 40 10.09 -9.08 13.41
C GLU D 40 8.89 -8.14 13.63
N MET D 41 7.69 -8.70 13.74
CA MET D 41 6.51 -7.87 13.87
C MET D 41 6.53 -7.05 15.16
N ASP D 42 7.32 -7.44 16.15
CA ASP D 42 7.41 -6.66 17.39
C ASP D 42 8.06 -5.30 17.19
N ASP D 43 8.70 -5.06 16.05
CA ASP D 43 9.29 -3.76 15.78
C ASP D 43 8.24 -2.75 15.34
N PHE D 44 7.03 -3.19 15.03
CA PHE D 44 5.91 -2.27 14.90
C PHE D 44 5.55 -1.73 16.29
N SER D 45 4.85 -0.61 16.31
CA SER D 45 4.18 -0.17 17.52
C SER D 45 2.86 -0.94 17.65
N SER D 46 2.72 -1.73 18.71
CA SER D 46 1.50 -2.50 18.90
C SER D 46 0.37 -1.65 19.50
N LYS D 47 0.71 -0.56 20.18
CA LYS D 47 -0.24 0.33 20.86
C LYS D 47 0.49 1.65 21.07
N PRO D 48 -0.15 2.79 20.79
CA PRO D 48 0.57 4.06 20.88
C PRO D 48 1.18 4.26 22.27
N GLY D 49 2.47 4.61 22.28
CA GLY D 49 3.15 4.94 23.52
C GLY D 49 3.57 3.76 24.36
N VAL D 50 3.22 2.55 23.95
CA VAL D 50 3.59 1.35 24.70
C VAL D 50 4.90 0.80 24.10
N ALA D 51 5.90 0.60 24.95
CA ALA D 51 7.22 0.20 24.48
C ALA D 51 7.20 -1.25 24.02
N ASN D 52 8.05 -1.54 23.03
CA ASN D 52 8.24 -2.91 22.58
C ASN D 52 9.36 -3.55 23.40
N ALA D 53 9.91 -4.67 22.92
CA ALA D 53 10.94 -5.39 23.66
C ALA D 53 12.24 -4.61 23.78
N PHE D 54 12.49 -3.65 22.90
CA PHE D 54 13.70 -2.84 22.95
C PHE D 54 13.49 -1.52 23.70
N GLY D 55 12.28 -1.27 24.20
CA GLY D 55 12.02 -0.07 24.98
C GLY D 55 11.65 1.15 24.17
N VAL D 56 11.45 0.99 22.85
CA VAL D 56 11.13 2.12 21.97
C VAL D 56 9.62 2.14 21.72
N VAL D 57 9.11 3.32 21.38
CA VAL D 57 7.69 3.55 21.25
C VAL D 57 7.40 4.16 19.88
N GLY D 58 6.11 4.25 19.55
CA GLY D 58 5.70 4.87 18.30
C GLY D 58 4.20 5.16 18.34
N SER D 59 3.70 5.65 17.21
CA SER D 59 2.26 5.90 17.05
C SER D 59 1.84 5.52 15.63
N ASP D 60 1.37 6.50 14.84
CA ASP D 60 0.79 6.16 13.54
C ASP D 60 1.84 5.73 12.53
N ALA D 61 2.97 6.44 12.48
CA ALA D 61 3.93 6.21 11.40
C ALA D 61 4.43 4.77 11.38
N ASN D 62 4.56 4.13 12.55
CA ASN D 62 5.07 2.77 12.67
C ASN D 62 4.00 1.83 13.20
N ALA D 63 2.72 2.13 12.98
CA ALA D 63 1.66 1.21 13.38
C ALA D 63 1.51 0.08 12.35
N ILE D 64 0.85 -1.00 12.77
CA ILE D 64 0.74 -2.20 11.96
C ILE D 64 -0.25 -1.99 10.82
N GLU D 65 0.19 -2.28 9.60
CA GLU D 65 -0.67 -2.26 8.42
C GLU D 65 -0.23 -3.37 7.48
N PRO D 66 -1.15 -3.97 6.73
CA PRO D 66 -0.74 -5.02 5.78
C PRO D 66 0.23 -4.48 4.77
N GLY D 67 1.21 -5.31 4.40
CA GLY D 67 2.19 -4.95 3.39
C GLY D 67 3.28 -4.00 3.84
N LYS D 68 3.29 -3.63 5.10
CA LYS D 68 4.14 -2.55 5.61
C LYS D 68 5.41 -3.12 6.24
N ARG D 69 6.51 -2.40 6.04
CA ARG D 69 7.78 -2.74 6.69
C ARG D 69 7.84 -2.11 8.08
N MET D 70 8.20 -2.90 9.08
CA MET D 70 8.37 -2.40 10.43
C MET D 70 9.66 -1.62 10.61
N LEU D 71 9.57 -0.53 11.36
CA LEU D 71 10.72 0.35 11.53
C LEU D 71 11.88 -0.43 12.15
N SER D 72 13.08 -0.16 11.65
CA SER D 72 14.29 -0.84 12.10
C SER D 72 15.28 0.16 12.68
N SER D 73 16.27 -0.38 13.40
CA SER D 73 17.46 0.36 13.81
C SER D 73 18.71 -0.12 13.09
N MET D 74 18.60 -1.15 12.27
CA MET D 74 19.76 -1.67 11.57
C MET D 74 20.39 -0.64 10.65
N SER D 75 21.72 -0.51 10.72
CA SER D 75 22.43 0.61 10.10
C SER D 75 23.71 0.17 9.41
N PRO D 76 23.65 -0.77 8.48
CA PRO D 76 24.87 -1.14 7.75
C PRO D 76 25.44 0.09 7.08
N SER D 77 26.74 0.30 7.27
CA SER D 77 27.36 1.57 6.92
C SER D 77 28.63 1.38 6.12
N ILE D 78 28.86 2.30 5.19
CA ILE D 78 30.11 2.41 4.44
C ILE D 78 30.53 3.87 4.45
N VAL D 79 31.74 4.13 4.91
CA VAL D 79 32.35 5.45 4.86
C VAL D 79 33.31 5.52 3.67
N THR D 80 33.26 6.63 2.94
CA THR D 80 34.21 6.91 1.89
C THR D 80 34.93 8.21 2.20
N ARG D 81 36.06 8.41 1.53
CA ARG D 81 36.81 9.65 1.59
C ARG D 81 37.52 9.81 0.26
N ASP D 82 37.32 10.95 -0.39
CA ASP D 82 37.95 11.20 -1.70
C ASP D 82 37.54 10.15 -2.71
N GLY D 83 36.31 9.65 -2.58
CA GLY D 83 35.74 8.72 -3.53
C GLY D 83 36.15 7.28 -3.36
N HIS D 84 36.92 6.96 -2.34
CA HIS D 84 37.38 5.59 -2.10
C HIS D 84 36.84 5.11 -0.75
N VAL D 85 36.55 3.81 -0.68
CA VAL D 85 36.08 3.24 0.59
C VAL D 85 37.17 3.38 1.64
N SER D 86 36.77 3.85 2.83
CA SER D 86 37.67 3.99 3.95
C SER D 86 37.29 3.19 5.18
N LEU D 87 36.00 2.93 5.39
CA LEU D 87 35.58 2.17 6.55
C LEU D 87 34.24 1.49 6.27
N VAL D 88 34.15 0.21 6.62
CA VAL D 88 32.91 -0.55 6.51
C VAL D 88 32.59 -1.09 7.89
N LEU D 89 31.38 -0.84 8.36
CA LEU D 89 31.02 -1.31 9.70
C LEU D 89 29.51 -1.43 9.86
N GLY D 90 29.15 -2.21 10.88
CA GLY D 90 27.77 -2.39 11.28
C GLY D 90 27.77 -3.29 12.51
N THR D 91 26.58 -3.45 13.08
CA THR D 91 26.45 -4.20 14.32
C THR D 91 25.00 -4.59 14.56
N PRO D 92 24.76 -5.66 15.32
CA PRO D 92 23.45 -5.90 15.93
C PRO D 92 23.28 -5.02 17.16
N GLY D 93 22.10 -5.12 17.78
CA GLY D 93 21.88 -4.49 19.06
C GLY D 93 20.57 -3.74 19.21
N GLY D 94 19.60 -4.03 18.34
CA GLY D 94 18.30 -3.35 18.47
C GLY D 94 18.44 -1.85 18.41
N SER D 95 17.76 -1.15 19.33
CA SER D 95 17.79 0.31 19.37
C SER D 95 19.16 0.85 19.74
N ARG D 96 20.12 -0.01 20.09
CA ARG D 96 21.48 0.40 20.34
C ARG D 96 22.34 0.46 19.10
N ILE D 97 21.84 0.02 17.95
CA ILE D 97 22.71 -0.19 16.80
C ILE D 97 23.36 1.12 16.38
N PHE D 98 22.56 2.16 16.18
CA PHE D 98 23.14 3.36 15.61
C PHE D 98 23.87 4.18 16.67
N THR D 99 23.49 4.06 17.95
CA THR D 99 24.31 4.71 18.96
C THR D 99 25.66 4.00 19.13
N SER D 100 25.71 2.69 18.94
CA SER D 100 26.99 1.98 18.96
C SER D 100 27.86 2.36 17.78
N ILE D 101 27.28 2.43 16.58
CA ILE D 101 28.05 2.87 15.42
C ILE D 101 28.57 4.29 15.63
N PHE D 102 27.70 5.19 16.13
CA PHE D 102 28.12 6.55 16.47
C PHE D 102 29.34 6.56 17.38
N GLN D 103 29.32 5.75 18.43
CA GLN D 103 30.47 5.73 19.35
C GLN D 103 31.72 5.20 18.66
N VAL D 104 31.59 4.15 17.84
CA VAL D 104 32.77 3.63 17.15
C VAL D 104 33.33 4.70 16.21
N LEU D 105 32.45 5.44 15.52
CA LEU D 105 32.93 6.51 14.63
C LEU D 105 33.64 7.59 15.43
N ASN D 106 33.08 8.01 16.56
CA ASN D 106 33.78 8.95 17.43
C ASN D 106 35.16 8.41 17.84
N ASN D 107 35.22 7.14 18.22
CA ASN D 107 36.48 6.57 18.68
C ASN D 107 37.52 6.56 17.55
N VAL D 108 37.09 6.29 16.32
CA VAL D 108 38.04 6.24 15.21
C VAL D 108 38.46 7.64 14.77
N TYR D 109 37.51 8.54 14.60
CA TYR D 109 37.76 9.82 13.94
C TYR D 109 38.03 10.98 14.91
N ASP D 110 37.47 10.96 16.11
CA ASP D 110 37.71 12.02 17.09
C ASP D 110 38.81 11.67 18.08
N PHE D 111 38.75 10.47 18.65
CA PHE D 111 39.76 10.03 19.61
C PHE D 111 40.93 9.32 18.94
N HIS D 112 40.86 9.06 17.65
CA HIS D 112 41.97 8.50 16.87
C HIS D 112 42.49 7.21 17.48
N LEU D 113 41.56 6.36 17.96
CA LEU D 113 41.98 5.08 18.47
C LEU D 113 42.24 4.12 17.32
N PRO D 114 43.22 3.22 17.44
CA PRO D 114 43.33 2.14 16.46
C PRO D 114 42.04 1.34 16.39
N LEU D 115 41.79 0.73 15.24
CA LEU D 115 40.48 0.15 14.97
C LEU D 115 40.06 -0.85 16.04
N GLU D 116 40.98 -1.75 16.43
CA GLU D 116 40.60 -2.77 17.40
C GLU D 116 40.23 -2.15 18.76
N LYS D 117 40.97 -1.14 19.17
CA LYS D 117 40.62 -0.46 20.42
C LYS D 117 39.30 0.31 20.30
N ALA D 118 39.04 0.91 19.15
CA ALA D 118 37.80 1.65 18.95
C ALA D 118 36.60 0.71 19.08
N VAL D 119 36.74 -0.51 18.58
CA VAL D 119 35.66 -1.49 18.66
C VAL D 119 35.56 -2.11 20.04
N ALA D 120 36.69 -2.30 20.72
CA ALA D 120 36.67 -2.94 22.02
C ALA D 120 36.24 -1.99 23.14
N ALA D 121 36.28 -0.68 22.90
CA ALA D 121 36.01 0.29 23.94
C ALA D 121 34.60 0.12 24.50
N GLN D 122 34.45 0.47 25.76
CA GLN D 122 33.15 0.51 26.41
C GLN D 122 32.16 1.33 25.59
N ARG D 123 30.95 0.81 25.46
CA ARG D 123 29.85 1.56 24.86
C ARG D 123 28.67 1.58 25.81
N VAL D 124 27.90 2.67 25.78
CA VAL D 124 26.70 2.82 26.59
C VAL D 124 25.61 3.42 25.70
N HIS D 125 24.38 3.48 26.24
CA HIS D 125 23.22 3.83 25.45
C HIS D 125 22.16 4.53 26.29
N HIS D 126 21.58 5.59 25.73
CA HIS D 126 20.40 6.25 26.29
C HIS D 126 19.41 6.49 25.15
N GLN D 127 18.12 6.45 25.48
CA GLN D 127 17.11 6.53 24.41
C GLN D 127 15.83 7.21 24.89
N LEU D 128 15.97 8.23 25.74
CA LEU D 128 14.85 9.06 26.21
C LEU D 128 13.91 8.28 27.11
N LEU D 129 13.35 7.18 26.61
CA LEU D 129 12.52 6.28 27.39
C LEU D 129 13.14 4.90 27.38
N PRO D 130 13.35 4.28 28.56
CA PRO D 130 13.02 4.74 29.91
C PRO D 130 13.76 5.99 30.38
N LYS D 131 13.07 6.80 31.17
CA LYS D 131 13.58 8.12 31.52
C LYS D 131 14.93 8.05 32.20
N ASP D 132 15.87 8.86 31.68
CA ASP D 132 17.20 9.06 32.26
C ASP D 132 17.89 7.75 32.62
N THR D 133 17.62 6.70 31.86
CA THR D 133 18.27 5.40 32.07
C THR D 133 19.39 5.23 31.05
N ILE D 134 20.60 4.94 31.54
CA ILE D 134 21.74 4.65 30.71
C ILE D 134 22.02 3.17 30.82
N TYR D 135 22.08 2.49 29.68
CA TYR D 135 22.33 1.07 29.64
C TYR D 135 23.81 0.80 29.42
N TYR D 136 24.30 -0.27 30.03
CA TYR D 136 25.66 -0.74 29.81
C TYR D 136 25.60 -2.26 29.68
N ASP D 137 26.70 -2.87 29.24
CA ASP D 137 26.74 -4.32 29.18
C ASP D 137 27.74 -4.88 30.19
N ALA D 138 27.61 -6.18 30.45
CA ALA D 138 28.49 -6.84 31.42
C ALA D 138 29.91 -6.94 30.90
N TYR D 139 30.10 -6.85 29.58
CA TYR D 139 31.43 -6.84 29.00
C TYR D 139 32.23 -5.65 29.48
N ALA D 140 31.61 -4.47 29.54
CA ALA D 140 32.29 -3.23 29.94
C ALA D 140 31.36 -2.40 30.80
N PRO D 141 31.08 -2.85 32.03
CA PRO D 141 30.07 -2.18 32.84
C PRO D 141 30.50 -0.79 33.28
N LEU D 142 29.50 0.07 33.50
CA LEU D 142 29.76 1.38 34.10
C LEU D 142 30.15 1.16 35.55
N THR D 143 31.25 1.79 35.98
CA THR D 143 31.75 1.54 37.32
C THR D 143 32.60 2.73 37.75
N GLY D 144 33.10 2.65 38.99
CA GLY D 144 34.05 3.64 39.45
C GLY D 144 33.45 5.03 39.54
N LYS D 145 34.33 6.03 39.37
CA LYS D 145 33.91 7.41 39.53
C LYS D 145 32.88 7.82 38.48
N VAL D 146 33.06 7.39 37.23
CA VAL D 146 32.12 7.78 36.18
C VAL D 146 30.70 7.38 36.57
N ALA D 147 30.53 6.14 37.04
CA ALA D 147 29.20 5.69 37.45
C ALA D 147 28.67 6.54 38.60
N ASP D 148 29.51 6.80 39.60
CA ASP D 148 29.08 7.66 40.70
C ASP D 148 28.63 9.02 40.19
N GLU D 149 29.42 9.60 39.28
CA GLU D 149 29.10 10.93 38.76
C GLU D 149 27.79 10.91 37.99
N LEU D 150 27.61 9.94 37.10
CA LEU D 150 26.37 9.86 36.35
C LEU D 150 25.18 9.71 37.29
N LYS D 151 25.32 8.87 38.31
CA LYS D 151 24.22 8.68 39.26
C LYS D 151 23.90 9.99 39.99
N ALA D 152 24.93 10.79 40.26
CA ALA D 152 24.73 12.04 40.99
C ALA D 152 24.02 13.08 40.14
N MET D 153 24.14 12.99 38.81
CA MET D 153 23.41 13.92 37.95
C MET D 153 21.93 13.57 37.86
N GLY D 154 21.53 12.37 38.28
CA GLY D 154 20.16 11.92 38.17
C GLY D 154 19.95 10.72 37.28
N TYR D 155 21.00 10.12 36.74
CA TYR D 155 20.83 8.98 35.85
C TYR D 155 20.64 7.68 36.62
N THR D 156 19.85 6.79 36.04
CA THR D 156 19.75 5.39 36.45
C THR D 156 20.60 4.56 35.50
N LEU D 157 21.47 3.73 36.07
CA LEU D 157 22.35 2.86 35.30
C LEU D 157 21.82 1.44 35.37
N GLU D 158 21.74 0.78 34.21
CA GLU D 158 21.16 -0.56 34.15
C GLU D 158 21.98 -1.46 33.23
N ASP D 159 22.34 -2.63 33.76
CA ASP D 159 22.89 -3.72 32.94
C ASP D 159 21.78 -4.26 32.05
N GLN D 160 21.91 -4.05 30.74
CA GLN D 160 20.84 -4.45 29.84
C GLN D 160 20.75 -5.96 29.60
N GLY D 161 21.71 -6.75 30.08
CA GLY D 161 21.58 -8.18 30.03
C GLY D 161 21.99 -8.85 28.74
N ASP D 162 22.63 -8.12 27.83
CA ASP D 162 23.29 -8.69 26.67
C ASP D 162 24.34 -7.72 26.21
N ASN D 163 25.27 -8.21 25.38
CA ASN D 163 26.32 -7.37 24.84
C ASN D 163 25.75 -6.16 24.11
N MET D 164 26.49 -5.06 24.19
N MET D 164 26.43 -5.03 24.23
CA MET D 164 26.16 -3.79 23.54
CA MET D 164 26.01 -3.84 23.50
C MET D 164 26.66 -3.80 22.08
C MET D 164 26.66 -3.86 22.12
N GLY D 165 26.14 -4.74 21.29
CA GLY D 165 26.55 -4.84 19.91
C GLY D 165 27.63 -5.89 19.68
N ASP D 166 28.04 -5.95 18.41
CA ASP D 166 28.99 -6.93 17.91
C ASP D 166 29.51 -6.35 16.60
N ILE D 167 30.33 -5.30 16.69
CA ILE D 167 30.82 -4.59 15.52
C ILE D 167 31.73 -5.50 14.71
N GLN D 168 31.51 -5.54 13.40
CA GLN D 168 32.43 -6.16 12.45
C GLN D 168 32.85 -5.08 11.46
N ALA D 169 34.14 -4.75 11.46
CA ALA D 169 34.60 -3.57 10.74
C ALA D 169 35.83 -3.88 9.89
N ILE D 170 35.95 -3.14 8.80
CA ILE D 170 37.11 -3.13 7.91
C ILE D 170 37.52 -1.68 7.72
N ARG D 171 38.78 -1.36 7.99
CA ARG D 171 39.32 -0.06 7.64
C ARG D 171 40.35 -0.19 6.51
N VAL D 172 40.29 0.73 5.56
CA VAL D 172 41.20 0.76 4.41
C VAL D 172 42.15 1.94 4.63
N ASN D 173 43.44 1.63 4.68
CA ASN D 173 44.51 2.60 4.91
C ASN D 173 45.34 2.67 3.62
N GLY D 174 44.97 3.59 2.74
CA GLY D 174 45.56 3.66 1.41
C GLY D 174 45.28 2.39 0.62
N LYS D 175 46.31 1.58 0.41
CA LYS D 175 46.15 0.31 -0.28
C LYS D 175 46.06 -0.88 0.67
N ALA D 176 46.27 -0.67 1.97
CA ALA D 176 46.26 -1.75 2.94
C ALA D 176 44.89 -1.85 3.60
N LEU D 177 44.57 -3.05 4.09
CA LEU D 177 43.31 -3.31 4.77
C LEU D 177 43.59 -3.87 6.15
N GLU D 178 42.71 -3.56 7.09
CA GLU D 178 42.71 -4.20 8.39
C GLU D 178 41.27 -4.49 8.78
N THR D 179 41.10 -5.46 9.67
CA THR D 179 39.79 -5.84 10.17
C THR D 179 39.75 -5.73 11.69
N ALA D 180 38.53 -5.59 12.22
CA ALA D 180 38.32 -5.74 13.66
C ALA D 180 37.01 -6.47 13.89
N SER D 181 37.04 -7.46 14.76
CA SER D 181 35.88 -8.22 15.20
C SER D 181 35.66 -7.95 16.68
N ASP D 182 34.44 -7.57 17.03
CA ASP D 182 34.16 -7.14 18.40
C ASP D 182 34.51 -8.24 19.42
N PRO D 183 35.30 -7.90 20.45
CA PRO D 183 35.54 -8.90 21.52
C PRO D 183 34.28 -9.34 22.24
N ARG D 184 33.16 -8.65 22.05
CA ARG D 184 31.91 -9.11 22.64
C ARG D 184 31.38 -10.36 21.99
N GLY D 185 31.76 -10.63 20.74
CA GLY D 185 31.26 -11.80 20.07
C GLY D 185 32.34 -12.71 19.56
N ARG D 186 32.00 -13.64 18.67
CA ARG D 186 32.97 -14.64 18.21
C ARG D 186 33.37 -14.41 16.76
N GLY D 187 33.38 -13.16 16.33
CA GLY D 187 33.68 -12.85 14.96
C GLY D 187 35.13 -13.10 14.59
N VAL D 188 35.34 -13.19 13.28
CA VAL D 188 36.66 -13.46 12.69
C VAL D 188 36.81 -12.57 11.46
N GLY D 189 37.99 -11.96 11.33
CA GLY D 189 38.32 -11.15 10.18
C GLY D 189 39.52 -11.71 9.46
N MET D 190 39.58 -11.45 8.16
CA MET D 190 40.60 -12.00 7.26
C MET D 190 40.88 -10.98 6.16
N VAL D 191 42.16 -10.72 5.89
CA VAL D 191 42.57 -10.00 4.69
C VAL D 191 42.98 -11.04 3.65
N VAL D 192 42.55 -10.84 2.41
CA VAL D 192 42.64 -11.86 1.36
C VAL D 192 43.45 -11.27 0.20
N LYS D 193 44.69 -11.74 0.05
CA LYS D 193 45.60 -11.15 -0.93
C LYS D 193 45.69 -11.98 -2.21
N PRO D 194 45.36 -11.36 -3.36
CA PRO D 194 45.37 -12.06 -4.65
#